data_4DQ8
#
_entry.id   4DQ8
#
_cell.length_a   55.500
_cell.length_b   87.170
_cell.length_c   176.740
_cell.angle_alpha   90.000
_cell.angle_beta   90.000
_cell.angle_gamma   90.000
#
_symmetry.space_group_name_H-M   'P 21 21 21'
#
loop_
_entity.id
_entity.type
_entity.pdbx_description
1 polymer 'Acetate kinase'
2 water water
#
_entity_poly.entity_id   1
_entity_poly.type   'polypeptide(L)'
_entity_poly.pdbx_seq_one_letter_code
;GPGSMSASRPNRVVLVLNSGSSSLKFQLVEPDSGMSRATGNIERIGEESSSVPDHDAALRRVFEILAEDDIDLQSCGLVA
VGHRVVHGGKDFYEPTLLNDAVIGKLDELSPLAPLHNPPAVLCIRVARALLPDVPHIAVFDTAFFHQLPPAAATYAIDRE
LADVWKIRRYGFHGTSHEYVSQQAAEFLGKPIGDLNQIVLHLGNGASASAVAGGRPVETSMGLTPLEGLVMGTRSGDLDP
GVIGYLWRTAKLGVDEIESMLNHRSGMLGLAGERDFRRLRAMIDDGDPAAELAYDVFIHRLRKYVGAYLAVLGHTDVVSF
TAGIGEHDAAVRRDTLAGMAELGISLDERRNACPSGGARRISADDSPVTVLVIPTNEELAIARHCCSVLVA
;
_entity_poly.pdbx_strand_id   A,B
#
# COMPACT_ATOMS: atom_id res chain seq x y z
N ASN A 11 -8.77 14.72 -42.17
CA ASN A 11 -9.78 14.24 -43.17
C ASN A 11 -10.39 12.87 -42.83
N ARG A 12 -9.67 12.09 -42.02
CA ARG A 12 -10.08 10.74 -41.57
C ARG A 12 -10.23 10.70 -40.05
N VAL A 13 -11.20 9.91 -39.56
CA VAL A 13 -11.53 9.86 -38.13
C VAL A 13 -11.76 8.44 -37.61
N VAL A 14 -11.88 8.35 -36.28
CA VAL A 14 -12.20 7.10 -35.58
C VAL A 14 -13.23 7.39 -34.50
N LEU A 15 -14.28 6.59 -34.43
CA LEU A 15 -15.29 6.76 -33.40
C LEU A 15 -14.82 6.02 -32.15
N VAL A 16 -14.60 6.74 -31.05
CA VAL A 16 -14.12 6.08 -29.82
C VAL A 16 -15.26 5.91 -28.84
N LEU A 17 -15.49 4.67 -28.40
CA LEU A 17 -16.64 4.33 -27.56
C LEU A 17 -16.24 3.72 -26.23
N ASN A 18 -17.07 3.95 -25.21
CA ASN A 18 -16.73 3.64 -23.84
C ASN A 18 -17.98 3.29 -23.03
N SER A 19 -18.24 1.99 -22.86
CA SER A 19 -19.53 1.50 -22.34
C SER A 19 -19.49 1.24 -20.85
N GLY A 20 -20.40 1.89 -20.12
CA GLY A 20 -20.61 1.63 -18.70
C GLY A 20 -21.89 0.85 -18.47
N SER A 21 -22.11 0.42 -17.23
CA SER A 21 -23.28 -0.39 -16.90
C SER A 21 -24.59 0.27 -17.29
N SER A 22 -24.61 1.59 -17.35
CA SER A 22 -25.80 2.36 -17.76
C SER A 22 -25.47 3.59 -18.61
N SER A 23 -24.24 3.66 -19.13
CA SER A 23 -23.76 4.82 -19.87
C SER A 23 -23.03 4.44 -21.17
N LEU A 24 -22.97 5.38 -22.10
CA LEU A 24 -22.25 5.20 -23.36
C LEU A 24 -21.61 6.49 -23.85
N LYS A 25 -20.33 6.68 -23.50
CA LYS A 25 -19.55 7.82 -23.95
C LYS A 25 -19.00 7.54 -25.35
N PHE A 26 -18.91 8.60 -26.17
CA PHE A 26 -18.46 8.47 -27.54
C PHE A 26 -17.72 9.72 -27.95
N GLN A 27 -16.82 9.60 -28.92
CA GLN A 27 -16.06 10.74 -29.40
C GLN A 27 -15.48 10.41 -30.76
N LEU A 28 -15.73 11.28 -31.74
CA LEU A 28 -15.21 11.12 -33.09
C LEU A 28 -13.97 11.99 -33.24
N VAL A 29 -12.80 11.35 -33.39
CA VAL A 29 -11.52 12.02 -33.30
C VAL A 29 -10.76 11.84 -34.60
N GLU A 30 -10.10 12.92 -35.03
CA GLU A 30 -9.12 12.85 -36.11
C GLU A 30 -7.77 12.56 -35.48
N PRO A 31 -7.22 11.36 -35.73
CA PRO A 31 -5.92 11.01 -35.15
C PRO A 31 -4.73 11.85 -35.63
N ASP A 32 -4.69 12.14 -36.93
CA ASP A 32 -3.62 12.97 -37.49
C ASP A 32 -3.76 14.38 -36.94
N SER A 33 -5.00 14.88 -36.99
CA SER A 33 -5.32 16.23 -36.55
C SER A 33 -5.20 16.34 -35.05
N GLY A 34 -5.77 15.36 -34.35
CA GLY A 34 -6.00 15.49 -32.92
C GLY A 34 -7.26 16.30 -32.61
N MET A 35 -8.04 16.58 -33.65
CA MET A 35 -9.27 17.35 -33.51
C MET A 35 -10.41 16.38 -33.21
N SER A 36 -11.27 16.76 -32.26
CA SER A 36 -12.48 15.98 -31.95
C SER A 36 -13.70 16.54 -32.69
N ARG A 37 -14.05 15.89 -33.80
CA ARG A 37 -15.15 16.29 -34.66
C ARG A 37 -16.48 16.36 -33.89
N ALA A 38 -16.69 15.44 -32.95
CA ALA A 38 -17.85 15.51 -32.04
C ALA A 38 -17.58 14.71 -30.77
N THR A 39 -18.28 15.06 -29.70
CA THR A 39 -18.09 14.43 -28.38
C THR A 39 -19.40 14.41 -27.62
N GLY A 40 -19.69 13.32 -26.93
CA GLY A 40 -20.88 13.23 -26.11
C GLY A 40 -20.92 12.00 -25.26
N ASN A 41 -22.04 11.83 -24.57
CA ASN A 41 -22.23 10.74 -23.63
C ASN A 41 -23.71 10.50 -23.33
N ILE A 42 -24.22 9.35 -23.78
CA ILE A 42 -25.63 8.99 -23.57
C ILE A 42 -25.73 8.30 -22.21
N GLU A 43 -25.88 9.11 -21.16
CA GLU A 43 -26.03 8.62 -19.78
C GLU A 43 -27.47 8.16 -19.50
N ARG A 44 -27.67 7.40 -18.42
CA ARG A 44 -29.02 7.02 -17.94
C ARG A 44 -29.53 5.63 -18.34
N ILE A 45 -29.08 5.13 -19.49
CA ILE A 45 -29.52 3.83 -20.06
C ILE A 45 -30.01 2.81 -19.02
N PRO A 53 -32.84 3.57 -22.69
CA PRO A 53 -33.52 2.27 -22.60
C PRO A 53 -32.55 1.08 -22.51
N ASP A 54 -31.72 0.89 -23.54
CA ASP A 54 -30.66 -0.15 -23.53
C ASP A 54 -29.51 0.21 -24.49
N HIS A 55 -28.47 -0.62 -24.54
CA HIS A 55 -27.28 -0.30 -25.35
C HIS A 55 -27.52 -0.38 -26.83
N ASP A 56 -28.48 -1.20 -27.25
CA ASP A 56 -28.94 -1.21 -28.64
C ASP A 56 -29.48 0.18 -28.98
N ALA A 57 -30.35 0.69 -28.12
CA ALA A 57 -30.94 2.01 -28.31
C ALA A 57 -29.88 3.09 -28.13
N ALA A 58 -29.12 3.00 -27.03
CA ALA A 58 -28.06 3.98 -26.71
C ALA A 58 -27.20 4.31 -27.92
N LEU A 59 -26.77 3.28 -28.65
CA LEU A 59 -25.98 3.47 -29.86
C LEU A 59 -26.79 4.03 -31.02
N ARG A 60 -28.09 3.69 -31.06
CA ARG A 60 -29.02 4.28 -32.04
C ARG A 60 -29.20 5.78 -31.79
N ARG A 61 -29.40 6.17 -30.53
CA ARG A 61 -29.53 7.58 -30.15
C ARG A 61 -28.27 8.42 -30.43
N VAL A 62 -27.09 7.77 -30.47
CA VAL A 62 -25.85 8.45 -30.87
C VAL A 62 -25.83 8.79 -32.36
N PHE A 63 -26.22 7.84 -33.21
CA PHE A 63 -26.25 8.05 -34.68
C PHE A 63 -27.05 9.30 -35.05
N GLU A 64 -28.10 9.57 -34.29
CA GLU A 64 -28.99 10.71 -34.52
C GLU A 64 -28.30 12.03 -34.20
N ILE A 65 -27.61 12.08 -33.07
CA ILE A 65 -26.86 13.27 -32.68
C ILE A 65 -25.80 13.64 -33.72
N LEU A 66 -25.04 12.64 -34.16
CA LEU A 66 -24.02 12.85 -35.17
C LEU A 66 -24.64 13.36 -36.46
N ALA A 67 -25.83 12.85 -36.80
CA ALA A 67 -26.65 13.39 -37.91
C ALA A 67 -27.17 14.79 -37.62
N GLU A 68 -27.44 15.08 -36.34
CA GLU A 68 -27.89 16.41 -35.91
C GLU A 68 -26.78 17.48 -36.06
N ASP A 69 -25.53 17.05 -36.26
CA ASP A 69 -24.47 17.95 -36.75
C ASP A 69 -24.05 17.57 -38.18
N ASP A 70 -25.03 17.12 -38.98
CA ASP A 70 -24.81 16.71 -40.38
C ASP A 70 -23.61 15.75 -40.62
N ILE A 71 -23.35 14.86 -39.65
CA ILE A 71 -22.35 13.80 -39.79
C ILE A 71 -23.04 12.43 -39.90
N ASP A 72 -22.70 11.67 -40.93
CA ASP A 72 -23.23 10.33 -41.11
C ASP A 72 -22.04 9.38 -41.21
N LEU A 73 -22.00 8.38 -40.33
CA LEU A 73 -20.84 7.49 -40.19
C LEU A 73 -20.60 6.61 -41.42
N GLN A 74 -21.69 6.21 -42.11
CA GLN A 74 -21.59 5.39 -43.33
C GLN A 74 -20.81 6.14 -44.42
N SER A 75 -20.56 7.43 -44.22
CA SER A 75 -19.77 8.25 -45.14
C SER A 75 -19.15 9.46 -44.44
N CYS A 76 -17.96 9.28 -43.85
CA CYS A 76 -17.17 10.43 -43.35
C CYS A 76 -15.67 10.14 -43.17
N GLY A 77 -15.18 9.07 -43.80
CA GLY A 77 -13.78 8.68 -43.69
C GLY A 77 -13.43 7.99 -42.38
N LEU A 78 -14.43 7.42 -41.72
CA LEU A 78 -14.17 6.68 -40.49
C LEU A 78 -13.53 5.36 -40.89
N VAL A 79 -12.33 5.13 -40.38
CA VAL A 79 -11.53 3.96 -40.72
C VAL A 79 -11.70 2.86 -39.67
N ALA A 80 -12.23 3.22 -38.50
CA ALA A 80 -12.29 2.29 -37.37
C ALA A 80 -13.28 2.74 -36.30
N VAL A 81 -13.79 1.78 -35.53
CA VAL A 81 -14.58 2.03 -34.31
C VAL A 81 -13.80 1.45 -33.12
N GLY A 82 -13.36 2.33 -32.23
CA GLY A 82 -12.53 1.94 -31.07
C GLY A 82 -13.34 1.64 -29.84
N HIS A 83 -13.09 0.48 -29.24
CA HIS A 83 -13.83 0.03 -28.06
C HIS A 83 -12.92 -0.03 -26.88
N ARG A 84 -13.24 0.75 -25.85
CA ARG A 84 -12.47 0.74 -24.62
C ARG A 84 -12.95 -0.37 -23.74
N VAL A 85 -12.01 -1.19 -23.26
CA VAL A 85 -12.31 -2.27 -22.33
C VAL A 85 -11.38 -2.12 -21.11
N VAL A 86 -11.94 -2.25 -19.91
CA VAL A 86 -11.19 -2.04 -18.66
C VAL A 86 -10.12 -3.12 -18.40
N HIS A 87 -10.49 -4.39 -18.50
CA HIS A 87 -9.53 -5.45 -18.16
C HIS A 87 -9.16 -6.29 -19.35
N GLY A 88 -7.87 -6.31 -19.67
CA GLY A 88 -7.35 -7.10 -20.79
C GLY A 88 -6.79 -8.43 -20.34
N GLY A 89 -6.73 -8.64 -19.03
CA GLY A 89 -6.18 -9.85 -18.46
C GLY A 89 -4.69 -9.99 -18.72
N LYS A 90 -4.24 -11.23 -18.83
CA LYS A 90 -2.85 -11.54 -19.17
C LYS A 90 -2.62 -11.56 -20.66
N ASP A 91 -3.67 -11.72 -21.45
CA ASP A 91 -3.51 -12.07 -22.86
C ASP A 91 -3.78 -10.93 -23.84
N PHE A 92 -4.59 -9.94 -23.44
CA PHE A 92 -4.86 -8.79 -24.30
C PHE A 92 -4.13 -7.53 -23.81
N TYR A 93 -3.02 -7.23 -24.48
CA TYR A 93 -2.17 -6.13 -24.08
C TYR A 93 -1.68 -5.29 -25.25
N GLU A 94 -2.40 -5.37 -26.37
CA GLU A 94 -2.20 -4.48 -27.51
C GLU A 94 -3.59 -4.15 -28.06
N PRO A 95 -3.67 -3.14 -28.93
CA PRO A 95 -4.92 -2.94 -29.66
C PRO A 95 -5.25 -4.19 -30.45
N THR A 96 -6.50 -4.61 -30.44
CA THR A 96 -6.85 -5.95 -30.86
C THR A 96 -8.04 -5.95 -31.84
N LEU A 97 -7.72 -5.99 -33.13
CA LEU A 97 -8.74 -6.13 -34.17
C LEU A 97 -9.74 -7.20 -33.74
N LEU A 98 -10.98 -6.79 -33.49
CA LEU A 98 -12.02 -7.70 -32.97
C LEU A 98 -12.69 -8.52 -34.07
N ASN A 99 -12.92 -9.79 -33.75
CA ASN A 99 -13.79 -10.67 -34.52
C ASN A 99 -14.55 -11.53 -33.52
N ASP A 100 -15.39 -12.42 -34.02
CA ASP A 100 -16.23 -13.26 -33.16
C ASP A 100 -15.43 -14.21 -32.24
N ALA A 101 -14.26 -14.65 -32.69
CA ALA A 101 -13.40 -15.53 -31.88
C ALA A 101 -12.85 -14.71 -30.71
N VAL A 102 -12.09 -13.67 -31.02
CA VAL A 102 -11.54 -12.78 -30.00
C VAL A 102 -12.62 -12.35 -28.99
N ILE A 103 -13.84 -12.11 -29.47
CA ILE A 103 -14.94 -11.72 -28.59
C ILE A 103 -15.45 -12.85 -27.69
N GLY A 104 -15.22 -14.10 -28.09
CA GLY A 104 -15.58 -15.26 -27.26
C GLY A 104 -14.59 -15.43 -26.11
N LYS A 105 -13.31 -15.23 -26.42
CA LYS A 105 -12.25 -15.24 -25.41
C LYS A 105 -12.44 -14.10 -24.39
N LEU A 106 -12.85 -12.91 -24.85
CA LEU A 106 -13.08 -11.75 -23.96
C LEU A 106 -14.08 -12.03 -22.84
N ASP A 107 -15.16 -12.72 -23.20
CA ASP A 107 -16.20 -13.08 -22.25
C ASP A 107 -15.61 -13.91 -21.10
N GLU A 108 -14.60 -14.72 -21.41
CA GLU A 108 -13.92 -15.51 -20.38
C GLU A 108 -13.14 -14.65 -19.37
N LEU A 109 -12.73 -13.43 -19.76
CA LEU A 109 -12.04 -12.51 -18.85
C LEU A 109 -12.95 -11.90 -17.79
N SER A 110 -14.25 -11.87 -18.07
CA SER A 110 -15.16 -11.04 -17.31
C SER A 110 -15.10 -11.20 -15.79
N PRO A 111 -14.82 -12.41 -15.27
CA PRO A 111 -14.71 -12.50 -13.81
C PRO A 111 -13.53 -11.72 -13.21
N LEU A 112 -12.56 -11.31 -14.00
CA LEU A 112 -11.46 -10.48 -13.50
C LEU A 112 -11.93 -9.06 -13.29
N ALA A 113 -12.91 -8.61 -14.08
CA ALA A 113 -13.61 -7.32 -13.86
C ALA A 113 -15.13 -7.44 -14.11
N PRO A 114 -15.83 -8.17 -13.22
CA PRO A 114 -17.23 -8.55 -13.47
C PRO A 114 -18.21 -7.40 -13.61
N LEU A 115 -17.87 -6.22 -13.09
CA LEU A 115 -18.70 -5.04 -13.29
C LEU A 115 -18.26 -4.16 -14.48
N HIS A 116 -16.95 -4.03 -14.69
CA HIS A 116 -16.50 -3.14 -15.76
C HIS A 116 -16.53 -3.77 -17.12
N ASN A 117 -16.17 -5.05 -17.25
CA ASN A 117 -16.02 -5.65 -18.58
C ASN A 117 -17.32 -6.00 -19.36
N PRO A 118 -18.26 -6.72 -18.72
CA PRO A 118 -19.44 -7.17 -19.50
C PRO A 118 -20.15 -6.05 -20.27
N PRO A 119 -20.31 -4.85 -19.67
CA PRO A 119 -20.84 -3.72 -20.45
C PRO A 119 -20.09 -3.43 -21.76
N ALA A 120 -18.76 -3.53 -21.77
CA ALA A 120 -18.00 -3.24 -23.00
C ALA A 120 -18.14 -4.37 -24.02
N VAL A 121 -18.26 -5.60 -23.53
CA VAL A 121 -18.51 -6.77 -24.38
C VAL A 121 -19.87 -6.64 -25.08
N LEU A 122 -20.88 -6.16 -24.33
CA LEU A 122 -22.24 -5.94 -24.87
C LEU A 122 -22.31 -4.86 -25.95
N CYS A 123 -21.62 -3.74 -25.73
CA CYS A 123 -21.57 -2.66 -26.72
C CYS A 123 -20.76 -3.06 -27.96
N ILE A 124 -19.76 -3.92 -27.76
CA ILE A 124 -19.07 -4.53 -28.90
C ILE A 124 -20.07 -5.31 -29.77
N ARG A 125 -21.01 -6.02 -29.15
CA ARG A 125 -22.07 -6.74 -29.90
C ARG A 125 -22.89 -5.76 -30.73
N VAL A 126 -23.64 -4.93 -30.03
CA VAL A 126 -24.48 -3.92 -30.66
C VAL A 126 -23.77 -3.20 -31.82
N ALA A 127 -22.53 -2.81 -31.61
CA ALA A 127 -21.81 -1.94 -32.56
C ALA A 127 -21.31 -2.66 -33.82
N ARG A 128 -20.94 -3.92 -33.68
CA ARG A 128 -20.43 -4.69 -34.83
C ARG A 128 -21.53 -4.96 -35.86
N ALA A 129 -22.76 -5.15 -35.38
CA ALA A 129 -23.93 -5.27 -36.23
C ALA A 129 -24.21 -3.96 -36.98
N LEU A 130 -24.39 -2.87 -36.24
CA LEU A 130 -24.84 -1.59 -36.81
C LEU A 130 -23.77 -0.84 -37.63
N LEU A 131 -22.50 -1.16 -37.43
CA LEU A 131 -21.41 -0.56 -38.20
C LEU A 131 -20.51 -1.64 -38.77
N PRO A 132 -21.04 -2.45 -39.70
CA PRO A 132 -20.31 -3.60 -40.21
C PRO A 132 -19.26 -3.25 -41.27
N ASP A 133 -19.37 -2.09 -41.91
CA ASP A 133 -18.51 -1.75 -43.04
C ASP A 133 -17.18 -1.12 -42.60
N VAL A 134 -16.66 -1.55 -41.46
CA VAL A 134 -15.51 -0.89 -40.80
C VAL A 134 -14.91 -1.78 -39.71
N PRO A 135 -13.57 -1.79 -39.58
CA PRO A 135 -12.97 -2.66 -38.56
C PRO A 135 -13.20 -2.17 -37.13
N HIS A 136 -13.44 -3.12 -36.23
CA HIS A 136 -13.64 -2.85 -34.80
C HIS A 136 -12.44 -3.29 -34.01
N ILE A 137 -11.92 -2.39 -33.17
CA ILE A 137 -10.63 -2.56 -32.51
C ILE A 137 -10.75 -2.26 -31.01
N ALA A 138 -10.30 -3.18 -30.18
CA ALA A 138 -10.44 -3.04 -28.74
C ALA A 138 -9.10 -2.65 -28.12
N VAL A 139 -9.12 -1.64 -27.24
CA VAL A 139 -7.93 -1.18 -26.54
C VAL A 139 -8.14 -1.30 -25.03
N PHE A 140 -7.16 -1.87 -24.34
CA PHE A 140 -7.33 -2.28 -22.94
C PHE A 140 -6.59 -1.39 -21.93
N ASP A 141 -7.29 -1.01 -20.86
CA ASP A 141 -6.77 -0.05 -19.87
C ASP A 141 -5.64 -0.64 -18.98
N THR A 142 -5.52 -1.97 -18.99
CA THR A 142 -4.41 -2.69 -18.36
C THR A 142 -3.21 -2.91 -19.29
N ALA A 143 -3.38 -2.67 -20.59
CA ALA A 143 -2.39 -3.09 -21.60
C ALA A 143 -0.99 -2.55 -21.32
N PHE A 144 -0.90 -1.24 -21.13
CA PHE A 144 0.38 -0.58 -20.86
C PHE A 144 1.15 -1.30 -19.73
N PHE A 145 0.45 -1.80 -18.72
CA PHE A 145 1.16 -2.38 -17.55
C PHE A 145 1.49 -3.89 -17.64
N HIS A 146 1.12 -4.55 -18.74
CA HIS A 146 1.43 -5.97 -18.91
C HIS A 146 2.87 -6.25 -18.60
N GLN A 147 3.72 -5.34 -19.03
CA GLN A 147 5.17 -5.47 -19.01
C GLN A 147 5.83 -5.11 -17.65
N LEU A 148 5.04 -4.81 -16.60
CA LEU A 148 5.61 -4.52 -15.27
C LEU A 148 6.62 -5.57 -14.81
N PRO A 149 7.71 -5.17 -14.15
CA PRO A 149 8.61 -6.24 -13.74
C PRO A 149 7.94 -7.18 -12.71
N PRO A 150 8.33 -8.46 -12.71
CA PRO A 150 7.73 -9.45 -11.82
C PRO A 150 7.74 -9.05 -10.33
N ALA A 151 8.81 -8.38 -9.90
CA ALA A 151 8.93 -7.94 -8.51
C ALA A 151 7.87 -6.92 -8.11
N ALA A 152 7.37 -6.17 -9.09
CA ALA A 152 6.35 -5.15 -8.91
C ALA A 152 4.96 -5.72 -9.13
N ALA A 153 4.84 -6.71 -10.00
CA ALA A 153 3.53 -7.21 -10.43
C ALA A 153 2.99 -8.40 -9.59
N THR A 154 3.81 -8.95 -8.71
CA THR A 154 3.49 -10.13 -7.92
C THR A 154 3.10 -9.74 -6.50
N TYR A 155 1.88 -10.09 -6.10
CA TYR A 155 1.47 -10.01 -4.71
C TYR A 155 2.10 -11.18 -3.97
N ALA A 156 2.34 -11.00 -2.68
CA ALA A 156 3.03 -12.01 -1.90
C ALA A 156 2.00 -12.94 -1.28
N ILE A 157 1.31 -13.69 -2.12
CA ILE A 157 0.31 -14.63 -1.63
C ILE A 157 0.66 -16.03 -2.13
N ASP A 158 -0.17 -17.00 -1.77
CA ASP A 158 -0.01 -18.34 -2.28
C ASP A 158 0.13 -18.42 -3.80
N ARG A 159 1.28 -18.87 -4.27
CA ARG A 159 1.60 -18.96 -5.70
C ARG A 159 0.55 -19.67 -6.55
N GLU A 160 0.04 -20.77 -6.01
CA GLU A 160 -0.86 -21.63 -6.77
C GLU A 160 -2.17 -20.90 -7.03
N LEU A 161 -2.71 -20.31 -5.97
CA LEU A 161 -3.94 -19.52 -6.08
C LEU A 161 -3.73 -18.35 -7.03
N ALA A 162 -2.62 -17.62 -6.85
CA ALA A 162 -2.28 -16.49 -7.74
C ALA A 162 -2.22 -16.93 -9.20
N ASP A 163 -1.55 -18.06 -9.44
CA ASP A 163 -1.45 -18.62 -10.77
C ASP A 163 -2.81 -19.00 -11.38
N VAL A 164 -3.54 -19.90 -10.74
CA VAL A 164 -4.81 -20.43 -11.30
C VAL A 164 -5.91 -19.37 -11.39
N TRP A 165 -5.95 -18.47 -10.42
CA TRP A 165 -6.94 -17.38 -10.47
C TRP A 165 -6.46 -16.11 -11.17
N LYS A 166 -5.26 -16.15 -11.74
CA LYS A 166 -4.67 -15.05 -12.54
C LYS A 166 -4.56 -13.73 -11.76
N ILE A 167 -4.16 -13.83 -10.50
CA ILE A 167 -4.10 -12.68 -9.63
C ILE A 167 -2.70 -12.08 -9.74
N ARG A 168 -2.64 -10.84 -10.21
CA ARG A 168 -1.40 -10.03 -10.24
C ARG A 168 -1.79 -8.56 -10.21
N ARG A 169 -0.79 -7.69 -10.05
CA ARG A 169 -0.99 -6.25 -10.22
C ARG A 169 -1.12 -6.02 -11.72
N TYR A 170 -2.35 -5.77 -12.15
CA TYR A 170 -2.62 -5.46 -13.56
C TYR A 170 -2.43 -3.96 -13.85
N GLY A 171 -2.91 -3.10 -12.95
CA GLY A 171 -2.83 -1.65 -13.16
C GLY A 171 -3.91 -1.14 -14.10
N PHE A 172 -4.28 0.10 -13.94
CA PHE A 172 -5.29 0.74 -14.76
C PHE A 172 -4.87 2.18 -15.05
N HIS A 173 -5.68 2.90 -15.83
CA HIS A 173 -5.33 4.18 -16.45
C HIS A 173 -4.14 4.05 -17.38
N GLY A 174 -3.95 2.87 -17.96
CA GLY A 174 -2.79 2.60 -18.83
C GLY A 174 -2.63 3.50 -20.05
N THR A 175 -3.73 3.75 -20.73
CA THR A 175 -3.72 4.68 -21.88
C THR A 175 -3.29 6.07 -21.49
N SER A 176 -3.78 6.53 -20.35
CA SER A 176 -3.41 7.87 -19.88
C SER A 176 -1.95 7.96 -19.45
N HIS A 177 -1.50 7.02 -18.62
CA HIS A 177 -0.12 7.02 -18.17
C HIS A 177 0.78 6.95 -19.34
N GLU A 178 0.44 6.08 -20.30
CA GLU A 178 1.27 5.90 -21.51
C GLU A 178 1.33 7.21 -22.29
N TYR A 179 0.17 7.78 -22.59
CA TYR A 179 0.09 9.06 -23.30
C TYR A 179 0.85 10.18 -22.61
N VAL A 180 0.70 10.33 -21.30
CA VAL A 180 1.35 11.45 -20.63
C VAL A 180 2.87 11.29 -20.60
N SER A 181 3.35 10.05 -20.53
CA SER A 181 4.78 9.79 -20.50
C SER A 181 5.40 10.14 -21.86
N GLN A 182 4.66 9.92 -22.94
CA GLN A 182 5.07 10.35 -24.27
C GLN A 182 5.04 11.88 -24.40
N GLN A 183 3.96 12.50 -23.94
CA GLN A 183 3.81 13.94 -24.04
C GLN A 183 4.86 14.68 -23.22
N ALA A 184 5.16 14.19 -22.03
CA ALA A 184 6.20 14.75 -21.19
C ALA A 184 7.56 14.75 -21.90
N ALA A 185 7.96 13.61 -22.45
CA ALA A 185 9.20 13.53 -23.20
C ALA A 185 9.24 14.54 -24.37
N GLU A 186 8.22 14.54 -25.22
CA GLU A 186 8.10 15.52 -26.32
C GLU A 186 8.21 16.96 -25.81
N PHE A 187 7.47 17.27 -24.76
CA PHE A 187 7.54 18.58 -24.11
C PHE A 187 8.96 18.98 -23.77
N LEU A 188 9.73 18.05 -23.20
CA LEU A 188 11.07 18.39 -22.72
C LEU A 188 12.13 18.33 -23.82
N GLY A 189 11.77 17.78 -24.98
CA GLY A 189 12.71 17.67 -26.11
C GLY A 189 13.73 16.59 -25.94
N LYS A 190 13.36 15.53 -25.20
CA LYS A 190 14.23 14.39 -24.94
C LYS A 190 13.51 13.12 -25.35
N PRO A 191 14.24 12.16 -25.91
CA PRO A 191 13.54 10.95 -26.27
C PRO A 191 13.08 10.19 -25.02
N ILE A 192 11.96 9.47 -25.16
CA ILE A 192 11.32 8.83 -24.02
C ILE A 192 12.21 7.76 -23.39
N GLY A 193 13.05 7.11 -24.21
CA GLY A 193 14.04 6.14 -23.71
C GLY A 193 15.10 6.72 -22.76
N ASP A 194 15.25 8.04 -22.70
CA ASP A 194 16.23 8.69 -21.79
C ASP A 194 15.68 9.21 -20.46
N LEU A 195 14.39 9.08 -20.20
CA LEU A 195 13.78 9.71 -19.02
C LEU A 195 13.22 8.71 -18.02
N ASN A 196 13.32 9.05 -16.74
CA ASN A 196 12.61 8.35 -15.68
C ASN A 196 11.54 9.28 -15.19
N GLN A 197 10.30 8.79 -15.14
CA GLN A 197 9.17 9.65 -14.85
C GLN A 197 8.17 9.10 -13.85
N ILE A 198 7.48 10.03 -13.18
CA ILE A 198 6.30 9.74 -12.38
C ILE A 198 5.13 10.46 -13.05
N VAL A 199 3.99 9.77 -13.17
CA VAL A 199 2.74 10.36 -13.66
C VAL A 199 1.66 10.20 -12.59
N LEU A 200 0.98 11.28 -12.28
CA LEU A 200 -0.05 11.30 -11.28
C LEU A 200 -1.36 11.67 -11.98
N HIS A 201 -2.19 10.66 -12.24
CA HIS A 201 -3.46 10.81 -12.92
C HIS A 201 -4.49 10.98 -11.84
N LEU A 202 -4.92 12.22 -11.62
CA LEU A 202 -5.79 12.50 -10.49
C LEU A 202 -7.14 12.93 -11.05
N GLY A 203 -8.09 11.99 -11.12
CA GLY A 203 -9.44 12.22 -11.68
C GLY A 203 -10.49 11.72 -10.71
N ASN A 204 -11.67 11.30 -11.19
CA ASN A 204 -12.64 10.69 -10.26
C ASN A 204 -12.04 9.47 -9.60
N GLY A 205 -11.46 8.59 -10.42
CA GLY A 205 -10.50 7.60 -9.97
C GLY A 205 -9.10 8.19 -10.02
N ALA A 206 -8.16 7.64 -9.25
CA ALA A 206 -6.78 8.20 -9.18
C ALA A 206 -5.69 7.11 -9.08
N SER A 207 -4.61 7.30 -9.83
CA SER A 207 -3.50 6.37 -9.84
C SER A 207 -2.20 7.05 -10.21
N ALA A 208 -1.12 6.43 -9.76
CA ALA A 208 0.24 6.89 -10.00
C ALA A 208 0.98 5.81 -10.77
N SER A 209 1.95 6.20 -11.59
CA SER A 209 2.84 5.24 -12.24
C SER A 209 4.27 5.72 -12.17
N ALA A 210 5.21 4.80 -12.38
CA ALA A 210 6.60 5.11 -12.52
C ALA A 210 7.03 4.45 -13.83
N VAL A 211 7.73 5.22 -14.67
CA VAL A 211 8.05 4.83 -16.03
C VAL A 211 9.56 5.06 -16.24
N ALA A 212 10.29 4.02 -16.64
CA ALA A 212 11.74 4.13 -16.78
C ALA A 212 12.10 3.89 -18.24
N GLY A 213 12.57 4.94 -18.91
CA GLY A 213 12.87 4.87 -20.34
C GLY A 213 11.67 4.37 -21.13
N GLY A 214 10.47 4.77 -20.73
CA GLY A 214 9.24 4.45 -21.46
C GLY A 214 8.48 3.22 -21.03
N ARG A 215 9.11 2.37 -20.19
CA ARG A 215 8.48 1.13 -19.71
C ARG A 215 8.00 1.34 -18.29
N PRO A 216 6.75 0.96 -18.00
CA PRO A 216 6.21 1.21 -16.66
C PRO A 216 6.89 0.28 -15.70
N VAL A 217 7.36 0.78 -14.56
CA VAL A 217 8.00 -0.06 -13.54
C VAL A 217 7.20 -0.17 -12.24
N GLU A 218 6.15 0.63 -12.10
CA GLU A 218 5.20 0.50 -10.98
C GLU A 218 3.93 1.26 -11.30
N THR A 219 2.83 0.86 -10.68
CA THR A 219 1.61 1.65 -10.71
C THR A 219 0.72 1.31 -9.50
N SER A 220 -0.12 2.25 -9.08
CA SER A 220 -0.77 2.15 -7.77
C SER A 220 -2.03 1.26 -7.71
N MET A 221 -2.80 1.20 -8.78
CA MET A 221 -3.94 0.28 -8.82
C MET A 221 -3.38 -1.12 -9.03
N GLY A 222 -4.21 -2.14 -8.79
CA GLY A 222 -3.73 -3.52 -8.71
C GLY A 222 -4.47 -4.55 -9.56
N LEU A 223 -4.99 -5.59 -8.87
CA LEU A 223 -5.86 -6.57 -9.49
C LEU A 223 -7.06 -5.87 -10.01
N THR A 224 -7.56 -4.92 -9.21
CA THR A 224 -8.72 -4.09 -9.55
C THR A 224 -8.41 -2.61 -9.40
N PRO A 225 -9.36 -1.74 -9.75
CA PRO A 225 -9.12 -0.31 -9.63
C PRO A 225 -9.24 0.29 -8.21
N LEU A 226 -9.25 -0.55 -7.19
CA LEU A 226 -9.48 -0.09 -5.81
C LEU A 226 -8.16 0.14 -5.02
N GLU A 227 -7.03 -0.38 -5.49
CA GLU A 227 -5.78 -0.26 -4.72
C GLU A 227 -5.17 1.13 -4.93
N GLY A 228 -4.37 1.55 -3.96
CA GLY A 228 -3.49 2.72 -4.11
C GLY A 228 -3.98 4.01 -3.46
N LEU A 229 -4.19 5.00 -4.32
CA LEU A 229 -4.51 6.36 -3.90
C LEU A 229 -5.92 6.44 -3.34
N VAL A 230 -6.13 7.43 -2.46
CA VAL A 230 -7.45 7.78 -2.01
C VAL A 230 -8.16 8.51 -3.13
N MET A 231 -9.40 8.13 -3.41
CA MET A 231 -10.10 8.61 -4.63
C MET A 231 -11.41 9.30 -4.26
N GLY A 232 -12.27 9.55 -5.25
CA GLY A 232 -13.52 10.25 -5.01
C GLY A 232 -14.43 9.47 -4.09
N THR A 233 -14.61 8.18 -4.41
CA THR A 233 -15.46 7.32 -3.62
C THR A 233 -14.81 5.97 -3.29
N ARG A 234 -13.52 5.80 -3.64
CA ARG A 234 -12.80 4.58 -3.31
C ARG A 234 -11.76 4.77 -2.20
N SER A 235 -11.53 3.71 -1.43
CA SER A 235 -10.69 3.75 -0.25
C SER A 235 -9.19 3.85 -0.57
N GLY A 236 -8.82 3.34 -1.73
CA GLY A 236 -7.48 2.96 -2.01
C GLY A 236 -6.95 2.04 -0.94
N ASP A 237 -5.63 2.09 -0.76
CA ASP A 237 -4.89 1.16 0.11
C ASP A 237 -5.64 0.92 1.40
N LEU A 238 -5.67 -0.33 1.81
CA LEU A 238 -6.43 -0.76 2.97
C LEU A 238 -5.85 -2.08 3.50
N ASP A 239 -5.62 -2.16 4.80
CA ASP A 239 -5.24 -3.39 5.49
C ASP A 239 -6.20 -4.52 5.09
N PRO A 240 -5.68 -5.63 4.57
CA PRO A 240 -6.63 -6.68 4.21
C PRO A 240 -7.49 -7.13 5.42
N GLY A 241 -6.94 -7.05 6.62
CA GLY A 241 -7.68 -7.39 7.80
C GLY A 241 -8.97 -6.62 8.00
N VAL A 242 -9.07 -5.39 7.46
CA VAL A 242 -10.30 -4.60 7.60
C VAL A 242 -11.52 -5.34 7.06
N ILE A 243 -11.40 -5.94 5.89
CA ILE A 243 -12.50 -6.63 5.27
C ILE A 243 -12.96 -7.87 6.09
N GLY A 244 -11.99 -8.67 6.55
CA GLY A 244 -12.25 -9.83 7.37
C GLY A 244 -12.93 -9.43 8.66
N TYR A 245 -12.47 -8.33 9.23
CA TYR A 245 -12.98 -7.86 10.49
C TYR A 245 -14.42 -7.35 10.35
N LEU A 246 -14.70 -6.59 9.30
CA LEU A 246 -16.07 -6.16 9.03
C LEU A 246 -17.01 -7.37 8.80
N TRP A 247 -16.44 -8.44 8.27
CA TRP A 247 -17.19 -9.63 7.95
C TRP A 247 -17.50 -10.43 9.17
N ARG A 248 -16.51 -10.66 10.04
CA ARG A 248 -16.73 -11.51 11.22
C ARG A 248 -17.21 -10.75 12.46
N THR A 249 -16.91 -9.45 12.59
CA THR A 249 -17.37 -8.69 13.75
C THR A 249 -18.56 -7.79 13.43
N ALA A 250 -18.50 -7.01 12.35
CA ALA A 250 -19.67 -6.20 11.96
C ALA A 250 -20.71 -7.05 11.22
N LYS A 251 -20.31 -8.25 10.80
CA LYS A 251 -21.23 -9.17 10.13
C LYS A 251 -21.91 -8.50 8.94
N LEU A 252 -21.14 -7.76 8.14
CA LEU A 252 -21.61 -7.29 6.84
C LEU A 252 -21.21 -8.33 5.79
N GLY A 253 -22.00 -8.43 4.73
CA GLY A 253 -21.70 -9.35 3.62
C GLY A 253 -20.48 -8.89 2.83
N VAL A 254 -19.83 -9.85 2.18
CA VAL A 254 -18.64 -9.55 1.38
C VAL A 254 -18.94 -8.52 0.26
N ASP A 255 -20.05 -8.72 -0.46
CA ASP A 255 -20.38 -7.83 -1.59
C ASP A 255 -20.71 -6.42 -1.12
N GLU A 256 -21.33 -6.35 0.06
CA GLU A 256 -21.63 -5.07 0.67
C GLU A 256 -20.34 -4.33 1.07
N ILE A 257 -19.40 -5.03 1.71
CA ILE A 257 -18.12 -4.43 2.10
C ILE A 257 -17.39 -3.87 0.87
N GLU A 258 -17.24 -4.70 -0.15
CA GLU A 258 -16.56 -4.22 -1.35
C GLU A 258 -17.29 -3.05 -2.01
N SER A 259 -18.61 -3.09 -2.02
CA SER A 259 -19.37 -1.99 -2.56
C SER A 259 -19.13 -0.70 -1.73
N MET A 260 -19.12 -0.82 -0.41
CA MET A 260 -18.77 0.31 0.45
C MET A 260 -17.38 0.87 0.05
N LEU A 261 -16.40 -0.02 -0.10
CA LEU A 261 -15.04 0.38 -0.43
C LEU A 261 -14.92 1.12 -1.76
N ASN A 262 -15.81 0.76 -2.69
CA ASN A 262 -15.83 1.31 -4.04
C ASN A 262 -16.74 2.52 -4.21
N HIS A 263 -17.81 2.63 -3.44
CA HIS A 263 -18.84 3.66 -3.66
C HIS A 263 -19.10 4.58 -2.50
N ARG A 264 -18.70 4.18 -1.29
CA ARG A 264 -19.01 4.94 -0.07
C ARG A 264 -17.75 5.18 0.74
N SER A 265 -16.62 5.27 0.04
CA SER A 265 -15.34 5.44 0.67
C SER A 265 -14.64 6.67 0.07
N GLY A 266 -13.30 6.74 0.12
CA GLY A 266 -12.59 7.91 -0.38
C GLY A 266 -13.07 9.21 0.25
N MET A 267 -13.09 10.26 -0.56
CA MET A 267 -13.55 11.56 -0.13
C MET A 267 -15.05 11.61 0.23
N LEU A 268 -15.87 10.89 -0.52
CA LEU A 268 -17.31 10.84 -0.24
C LEU A 268 -17.50 10.23 1.13
N GLY A 269 -16.82 9.10 1.40
CA GLY A 269 -16.89 8.44 2.69
C GLY A 269 -16.36 9.25 3.87
N LEU A 270 -15.27 10.00 3.66
CA LEU A 270 -14.67 10.77 4.75
C LEU A 270 -15.30 12.15 4.92
N ALA A 271 -15.69 12.78 3.83
CA ALA A 271 -16.18 14.18 3.86
C ALA A 271 -17.64 14.36 3.42
N GLY A 272 -18.25 13.31 2.85
CA GLY A 272 -19.60 13.42 2.30
C GLY A 272 -19.64 14.24 1.02
N GLU A 273 -18.48 14.48 0.41
CA GLU A 273 -18.38 15.26 -0.82
C GLU A 273 -17.17 14.79 -1.59
N ARG A 274 -17.36 14.46 -2.88
CA ARG A 274 -16.25 13.99 -3.75
C ARG A 274 -15.63 15.10 -4.61
N ASP A 275 -16.39 16.14 -4.92
CA ASP A 275 -15.91 17.24 -5.77
C ASP A 275 -14.94 18.17 -5.04
N PHE A 276 -13.73 18.30 -5.60
CA PHE A 276 -12.65 19.06 -4.94
C PHE A 276 -12.81 20.58 -4.89
N ARG A 277 -13.57 21.14 -5.85
CA ARG A 277 -13.94 22.57 -5.79
C ARG A 277 -14.92 22.77 -4.64
N ARG A 278 -15.90 21.88 -4.54
CA ARG A 278 -16.86 21.88 -3.42
C ARG A 278 -16.15 21.57 -2.11
N LEU A 279 -15.16 20.67 -2.17
CA LEU A 279 -14.34 20.37 -1.01
C LEU A 279 -13.53 21.59 -0.58
N ARG A 280 -12.92 22.27 -1.56
CA ARG A 280 -12.20 23.53 -1.32
C ARG A 280 -13.09 24.51 -0.57
N ALA A 281 -14.32 24.69 -1.05
CA ALA A 281 -15.27 25.62 -0.43
C ALA A 281 -15.60 25.23 1.02
N MET A 282 -15.82 23.94 1.27
CA MET A 282 -16.06 23.46 2.65
C MET A 282 -14.83 23.67 3.53
N ILE A 283 -13.63 23.55 2.96
CA ILE A 283 -12.39 23.80 3.71
C ILE A 283 -12.21 25.28 4.06
N ASP A 284 -12.51 26.16 3.10
CA ASP A 284 -12.45 27.62 3.35
C ASP A 284 -13.50 28.06 4.35
N ASP A 285 -14.66 27.41 4.35
CA ASP A 285 -15.70 27.64 5.36
C ASP A 285 -15.43 26.84 6.66
N GLY A 286 -14.24 26.25 6.75
CA GLY A 286 -13.76 25.62 7.98
C GLY A 286 -14.51 24.38 8.42
N ASP A 287 -14.93 23.55 7.46
CA ASP A 287 -15.49 22.23 7.73
C ASP A 287 -14.34 21.26 8.09
N PRO A 288 -14.33 20.71 9.33
CA PRO A 288 -13.22 19.87 9.82
C PRO A 288 -13.13 18.47 9.20
N ALA A 289 -14.27 17.89 8.84
CA ALA A 289 -14.27 16.61 8.13
C ALA A 289 -13.63 16.75 6.73
N ALA A 290 -14.03 17.80 6.00
CA ALA A 290 -13.43 18.15 4.72
C ALA A 290 -11.90 18.32 4.84
N GLU A 291 -11.46 19.00 5.88
CA GLU A 291 -10.03 19.21 6.08
C GLU A 291 -9.29 17.87 6.37
N LEU A 292 -9.82 17.03 7.26
CA LEU A 292 -9.19 15.74 7.51
C LEU A 292 -9.22 14.89 6.23
N ALA A 293 -10.35 14.86 5.55
CA ALA A 293 -10.44 14.13 4.29
C ALA A 293 -9.33 14.55 3.31
N TYR A 294 -9.19 15.86 3.13
CA TYR A 294 -8.17 16.41 2.22
C TYR A 294 -6.77 16.02 2.67
N ASP A 295 -6.52 16.11 3.97
CA ASP A 295 -5.20 15.71 4.50
C ASP A 295 -4.90 14.24 4.26
N VAL A 296 -5.91 13.39 4.42
CA VAL A 296 -5.75 11.94 4.15
C VAL A 296 -5.38 11.71 2.67
N PHE A 297 -6.10 12.36 1.77
CA PHE A 297 -5.82 12.31 0.31
C PHE A 297 -4.38 12.68 -0.04
N ILE A 298 -3.94 13.85 0.43
CA ILE A 298 -2.61 14.39 0.17
C ILE A 298 -1.50 13.49 0.81
N HIS A 299 -1.70 13.07 2.05
CA HIS A 299 -0.74 12.18 2.71
C HIS A 299 -0.54 10.91 1.94
N ARG A 300 -1.61 10.29 1.44
CA ARG A 300 -1.50 9.06 0.65
C ARG A 300 -0.72 9.30 -0.64
N LEU A 301 -1.00 10.42 -1.30
CA LEU A 301 -0.34 10.79 -2.57
C LEU A 301 1.16 11.03 -2.39
N ARG A 302 1.54 11.76 -1.34
CA ARG A 302 2.94 12.01 -1.03
C ARG A 302 3.75 10.72 -0.79
N LYS A 303 3.15 9.75 -0.11
CA LYS A 303 3.78 8.44 0.09
C LYS A 303 4.08 7.79 -1.23
N TYR A 304 3.15 7.87 -2.17
CA TYR A 304 3.36 7.25 -3.48
C TYR A 304 4.49 7.95 -4.25
N VAL A 305 4.56 9.28 -4.15
CA VAL A 305 5.64 10.02 -4.85
C VAL A 305 6.98 9.58 -4.25
N GLY A 306 7.05 9.49 -2.93
CA GLY A 306 8.25 9.00 -2.25
C GLY A 306 8.64 7.58 -2.68
N ALA A 307 7.66 6.66 -2.63
CA ALA A 307 7.85 5.26 -3.01
C ALA A 307 8.42 5.17 -4.43
N TYR A 308 7.81 5.91 -5.35
CA TYR A 308 8.16 5.78 -6.74
C TYR A 308 9.50 6.48 -7.08
N LEU A 309 9.83 7.55 -6.35
CA LEU A 309 11.18 8.11 -6.41
C LEU A 309 12.27 7.09 -6.02
N ALA A 310 12.02 6.31 -4.98
CA ALA A 310 12.92 5.27 -4.53
C ALA A 310 13.01 4.14 -5.56
N VAL A 311 11.88 3.73 -6.14
CA VAL A 311 11.86 2.66 -7.16
C VAL A 311 12.73 3.07 -8.34
N LEU A 312 12.54 4.29 -8.82
CA LEU A 312 13.31 4.83 -9.95
C LEU A 312 14.79 5.15 -9.67
N GLY A 313 15.14 5.57 -8.46
CA GLY A 313 16.53 5.91 -8.15
C GLY A 313 16.89 7.33 -8.58
N HIS A 314 16.82 7.56 -9.88
CA HIS A 314 16.90 8.88 -10.49
C HIS A 314 15.60 9.15 -11.19
N THR A 315 14.98 10.29 -10.89
CA THR A 315 13.74 10.71 -11.58
C THR A 315 13.99 12.05 -12.29
N ASP A 316 13.66 12.14 -13.57
CA ASP A 316 13.85 13.39 -14.31
C ASP A 316 12.62 14.29 -14.19
N VAL A 317 11.42 13.70 -14.29
CA VAL A 317 10.19 14.51 -14.37
C VAL A 317 9.01 13.89 -13.62
N VAL A 318 8.16 14.75 -13.05
CA VAL A 318 6.87 14.38 -12.52
C VAL A 318 5.77 15.19 -13.21
N SER A 319 4.74 14.50 -13.72
CA SER A 319 3.63 15.16 -14.42
C SER A 319 2.28 14.90 -13.77
N PHE A 320 1.50 15.96 -13.52
CA PHE A 320 0.10 15.83 -13.13
C PHE A 320 -0.80 15.76 -14.36
N THR A 321 -1.88 15.01 -14.24
CA THR A 321 -2.84 14.93 -15.33
C THR A 321 -4.24 14.64 -14.82
N ALA A 322 -5.22 14.66 -15.72
CA ALA A 322 -6.64 14.44 -15.39
C ALA A 322 -7.24 15.60 -14.57
N GLY A 323 -8.57 15.58 -14.44
CA GLY A 323 -9.35 16.69 -13.84
C GLY A 323 -8.65 17.46 -12.73
N ILE A 324 -8.34 16.79 -11.63
CA ILE A 324 -7.80 17.46 -10.46
C ILE A 324 -6.34 17.86 -10.70
N GLY A 325 -5.57 16.97 -11.33
CA GLY A 325 -4.16 17.27 -11.64
C GLY A 325 -3.98 18.44 -12.60
N GLU A 326 -4.93 18.60 -13.51
CA GLU A 326 -4.86 19.69 -14.48
C GLU A 326 -5.28 21.06 -13.91
N HIS A 327 -6.14 21.08 -12.92
CA HIS A 327 -6.82 22.31 -12.52
C HIS A 327 -6.64 22.74 -11.10
N ASP A 328 -6.20 21.84 -10.22
CA ASP A 328 -6.12 22.19 -8.79
C ASP A 328 -4.70 22.50 -8.36
N ALA A 329 -4.34 23.77 -8.39
CA ALA A 329 -3.02 24.25 -7.99
C ALA A 329 -2.71 23.87 -6.55
N ALA A 330 -3.73 23.92 -5.69
CA ALA A 330 -3.54 23.64 -4.27
C ALA A 330 -3.15 22.18 -4.07
N VAL A 331 -3.89 21.26 -4.67
CA VAL A 331 -3.52 19.81 -4.60
C VAL A 331 -2.05 19.64 -4.99
N ARG A 332 -1.65 20.32 -6.06
CA ARG A 332 -0.28 20.18 -6.57
C ARG A 332 0.75 20.79 -5.61
N ARG A 333 0.44 21.98 -5.10
CA ARG A 333 1.26 22.62 -4.08
C ARG A 333 1.44 21.73 -2.83
N ASP A 334 0.33 21.26 -2.27
CA ASP A 334 0.39 20.46 -1.03
C ASP A 334 1.01 19.06 -1.24
N THR A 335 0.80 18.46 -2.39
CA THR A 335 1.44 17.19 -2.68
C THR A 335 2.97 17.31 -2.59
N LEU A 336 3.54 18.37 -3.18
CA LEU A 336 4.98 18.41 -3.35
C LEU A 336 5.70 19.45 -2.47
N ALA A 337 4.99 19.98 -1.49
CA ALA A 337 5.60 20.86 -0.49
C ALA A 337 6.63 20.11 0.36
N GLY A 338 7.70 20.82 0.71
CA GLY A 338 8.71 20.30 1.62
C GLY A 338 9.46 19.10 1.08
N MET A 339 9.65 19.07 -0.24
CA MET A 339 10.32 17.97 -0.91
C MET A 339 11.66 18.33 -1.55
N ALA A 340 12.23 19.47 -1.17
CA ALA A 340 13.50 19.92 -1.76
C ALA A 340 14.63 18.92 -1.52
N GLU A 341 14.65 18.25 -0.38
CA GLU A 341 15.70 17.24 -0.13
C GLU A 341 15.50 15.94 -0.93
N LEU A 342 14.31 15.75 -1.52
CA LEU A 342 14.12 14.64 -2.46
C LEU A 342 14.25 15.13 -3.93
N GLY A 343 14.56 16.41 -4.11
CA GLY A 343 14.92 16.95 -5.41
C GLY A 343 13.79 17.70 -6.10
N ILE A 344 12.73 18.03 -5.37
CA ILE A 344 11.55 18.62 -5.99
C ILE A 344 11.19 19.93 -5.30
N SER A 345 11.05 21.00 -6.10
CA SER A 345 10.51 22.30 -5.65
C SER A 345 9.61 22.93 -6.70
N LEU A 346 8.43 23.39 -6.30
CA LEU A 346 7.54 24.10 -7.23
C LEU A 346 7.80 25.62 -7.26
N ASP A 347 7.39 26.23 -8.35
CA ASP A 347 7.41 27.70 -8.47
C ASP A 347 6.00 28.21 -8.33
N GLU A 348 5.74 28.99 -7.29
CA GLU A 348 4.38 29.38 -6.92
C GLU A 348 3.61 30.04 -8.09
N ARG A 349 4.29 30.93 -8.81
CA ARG A 349 3.66 31.64 -9.90
C ARG A 349 3.30 30.71 -11.06
N ARG A 350 4.26 29.92 -11.52
CA ARG A 350 3.95 28.97 -12.59
C ARG A 350 2.80 28.02 -12.20
N ASN A 351 2.78 27.59 -10.93
CA ASN A 351 1.73 26.71 -10.45
C ASN A 351 0.33 27.35 -10.47
N ALA A 352 0.24 28.62 -10.10
CA ALA A 352 -1.06 29.35 -10.04
C ALA A 352 -1.55 29.85 -11.41
N CYS A 353 -0.69 29.78 -12.42
CA CYS A 353 -1.01 30.23 -13.78
C CYS A 353 -2.38 29.71 -14.26
N PRO A 354 -3.34 30.63 -14.52
CA PRO A 354 -4.67 30.16 -14.94
C PRO A 354 -4.66 29.48 -16.30
N SER A 355 -3.60 29.65 -17.08
CA SER A 355 -3.54 29.11 -18.44
C SER A 355 -3.49 27.58 -18.48
N GLY A 356 -4.22 26.98 -19.41
CA GLY A 356 -4.23 25.52 -19.59
C GLY A 356 -3.03 25.07 -20.40
N GLY A 357 -3.11 23.90 -21.03
CA GLY A 357 -2.03 23.39 -21.90
C GLY A 357 -0.85 22.83 -21.15
N ALA A 358 -0.08 21.98 -21.83
CA ALA A 358 1.18 21.49 -21.34
C ALA A 358 2.03 22.65 -20.80
N ARG A 359 2.55 22.51 -19.58
CA ARG A 359 3.33 23.58 -18.98
C ARG A 359 4.19 23.09 -17.83
N ARG A 360 5.26 23.82 -17.58
CA ARG A 360 6.12 23.55 -16.44
C ARG A 360 5.71 24.33 -15.20
N ILE A 361 5.77 23.68 -14.04
CA ILE A 361 5.42 24.31 -12.77
C ILE A 361 6.50 24.23 -11.69
N SER A 362 7.60 23.55 -11.98
CA SER A 362 8.71 23.52 -11.04
C SER A 362 9.54 24.79 -11.07
N ALA A 363 10.20 25.09 -9.96
CA ALA A 363 11.28 26.11 -9.89
C ALA A 363 12.39 25.83 -10.89
N ASP A 364 13.10 26.87 -11.30
CA ASP A 364 14.27 26.71 -12.16
C ASP A 364 15.38 25.91 -11.47
N ASP A 365 15.47 26.00 -10.15
CA ASP A 365 16.47 25.24 -9.40
C ASP A 365 16.00 23.84 -8.92
N SER A 366 14.88 23.33 -9.41
CA SER A 366 14.41 21.96 -9.04
C SER A 366 15.10 20.92 -9.89
N PRO A 367 15.91 20.04 -9.29
CA PRO A 367 16.51 19.01 -10.12
C PRO A 367 15.48 18.14 -10.86
N VAL A 368 14.43 17.72 -10.15
CA VAL A 368 13.26 17.10 -10.80
C VAL A 368 12.34 18.17 -11.38
N THR A 369 12.11 18.11 -12.69
CA THR A 369 11.17 18.97 -13.37
C THR A 369 9.74 18.52 -13.11
N VAL A 370 8.83 19.46 -12.90
CA VAL A 370 7.45 19.11 -12.66
C VAL A 370 6.60 19.73 -13.74
N LEU A 371 5.71 18.94 -14.34
CA LEU A 371 4.83 19.38 -15.41
C LEU A 371 3.34 19.12 -15.14
N VAL A 372 2.49 19.90 -15.81
CA VAL A 372 1.09 19.58 -15.99
C VAL A 372 0.90 19.24 -17.45
N ILE A 373 0.30 18.09 -17.71
CA ILE A 373 0.05 17.58 -19.07
C ILE A 373 -1.44 17.21 -19.21
N PRO A 374 -2.19 17.94 -20.04
CA PRO A 374 -3.58 17.53 -20.17
C PRO A 374 -3.67 16.15 -20.82
N THR A 375 -4.52 15.28 -20.27
CA THR A 375 -4.69 13.94 -20.84
C THR A 375 -5.81 13.97 -21.88
N ASN A 376 -5.66 13.13 -22.88
CA ASN A 376 -6.60 12.99 -23.98
C ASN A 376 -6.59 11.53 -24.39
N GLU A 377 -7.25 10.72 -23.59
CA GLU A 377 -7.25 9.26 -23.77
C GLU A 377 -7.91 8.86 -25.11
N GLU A 378 -8.97 9.56 -25.47
CA GLU A 378 -9.70 9.23 -26.69
C GLU A 378 -8.81 9.40 -27.91
N LEU A 379 -7.98 10.43 -27.92
CA LEU A 379 -7.05 10.64 -29.01
C LEU A 379 -6.00 9.54 -29.04
N ALA A 380 -5.50 9.15 -27.85
CA ALA A 380 -4.49 8.11 -27.73
C ALA A 380 -5.05 6.81 -28.29
N ILE A 381 -6.29 6.50 -27.91
CA ILE A 381 -6.99 5.33 -28.43
C ILE A 381 -7.23 5.37 -29.95
N ALA A 382 -7.55 6.55 -30.48
CA ALA A 382 -7.71 6.69 -31.93
C ALA A 382 -6.42 6.31 -32.65
N ARG A 383 -5.29 6.79 -32.11
CA ARG A 383 -3.98 6.53 -32.70
C ARG A 383 -3.59 5.07 -32.54
N HIS A 384 -3.94 4.48 -31.41
CA HIS A 384 -3.73 3.04 -31.24
C HIS A 384 -4.57 2.27 -32.22
N CYS A 385 -5.80 2.71 -32.44
CA CYS A 385 -6.67 2.06 -33.43
C CYS A 385 -6.07 2.07 -34.84
N CYS A 386 -5.42 3.18 -35.20
CA CYS A 386 -4.71 3.28 -36.48
C CYS A 386 -3.34 2.62 -36.49
N SER A 387 -2.80 2.30 -35.32
CA SER A 387 -1.56 1.53 -35.23
C SER A 387 -1.79 0.14 -35.81
N VAL A 388 -2.92 -0.47 -35.46
CA VAL A 388 -3.27 -1.82 -35.92
C VAL A 388 -3.60 -1.92 -37.41
N LEU A 389 -3.94 -0.80 -38.05
CA LEU A 389 -4.24 -0.80 -39.48
C LEU A 389 -2.95 -0.96 -40.29
N VAL A 390 -2.17 0.12 -40.43
CA VAL A 390 -0.85 0.06 -41.09
C VAL A 390 0.17 -0.61 -40.17
N ASN B 11 20.52 -6.40 40.36
CA ASN B 11 19.70 -6.71 41.57
C ASN B 11 18.21 -6.96 41.24
N ARG B 12 17.40 -5.92 41.07
CA ARG B 12 15.95 -6.06 40.82
C ARG B 12 15.66 -6.71 39.47
N VAL B 13 14.61 -7.52 39.41
CA VAL B 13 14.25 -8.26 38.19
C VAL B 13 12.75 -8.22 37.85
N VAL B 14 12.44 -8.12 36.55
CA VAL B 14 11.06 -8.25 36.04
C VAL B 14 10.91 -9.53 35.21
N LEU B 15 9.71 -10.11 35.22
CA LEU B 15 9.39 -11.29 34.42
C LEU B 15 8.44 -10.94 33.27
N VAL B 16 8.98 -10.98 32.05
CA VAL B 16 8.25 -10.63 30.85
C VAL B 16 7.72 -11.89 30.18
N LEU B 17 6.40 -11.93 29.97
CA LEU B 17 5.74 -13.09 29.40
C LEU B 17 5.06 -12.76 28.06
N ASN B 18 4.93 -13.76 27.19
CA ASN B 18 4.39 -13.56 25.85
C ASN B 18 3.68 -14.83 25.33
N SER B 19 2.36 -14.88 25.49
CA SER B 19 1.62 -16.10 25.19
C SER B 19 0.90 -16.08 23.86
N GLY B 20 1.11 -17.14 23.08
CA GLY B 20 0.31 -17.45 21.90
C GLY B 20 -0.64 -18.60 22.16
N SER B 21 -1.31 -19.06 21.11
CA SER B 21 -2.34 -20.11 21.22
C SER B 21 -1.72 -21.52 21.28
N SER B 22 -0.40 -21.60 21.20
CA SER B 22 0.33 -22.84 21.43
C SER B 22 1.78 -22.53 21.84
N SER B 23 1.94 -21.59 22.78
CA SER B 23 3.25 -21.08 23.16
C SER B 23 3.18 -20.12 24.34
N LEU B 24 4.23 -20.13 25.16
CA LEU B 24 4.39 -19.15 26.24
C LEU B 24 5.86 -18.75 26.35
N LYS B 25 6.28 -17.73 25.61
CA LYS B 25 7.66 -17.21 25.71
C LYS B 25 7.85 -16.48 27.04
N PHE B 26 9.07 -16.55 27.57
CA PHE B 26 9.38 -15.88 28.84
C PHE B 26 10.83 -15.44 28.91
N GLN B 27 11.10 -14.51 29.83
CA GLN B 27 12.45 -14.03 30.06
C GLN B 27 12.54 -13.21 31.36
N LEU B 28 13.49 -13.58 32.22
CA LEU B 28 13.77 -12.80 33.42
C LEU B 28 14.83 -11.78 33.06
N VAL B 29 14.66 -10.55 33.53
CA VAL B 29 15.43 -9.43 33.06
C VAL B 29 15.66 -8.40 34.15
N GLU B 30 16.87 -7.86 34.22
CA GLU B 30 17.17 -6.75 35.11
C GLU B 30 17.10 -5.43 34.34
N PRO B 31 16.23 -4.50 34.78
CA PRO B 31 16.10 -3.16 34.20
C PRO B 31 17.37 -2.30 34.23
N ASP B 32 17.93 -2.10 35.43
CA ASP B 32 18.94 -1.05 35.65
C ASP B 32 20.26 -1.37 34.97
N SER B 33 20.55 -2.66 34.79
CA SER B 33 21.79 -3.11 34.15
C SER B 33 21.56 -3.62 32.72
N GLY B 34 20.42 -4.27 32.49
CA GLY B 34 20.10 -4.84 31.18
C GLY B 34 20.35 -6.33 31.01
N MET B 35 20.99 -6.97 32.00
CA MET B 35 21.27 -8.40 31.93
C MET B 35 19.97 -9.21 31.96
N SER B 36 19.95 -10.32 31.23
CA SER B 36 18.80 -11.23 31.20
C SER B 36 19.12 -12.50 31.96
N ARG B 37 18.45 -12.69 33.10
CA ARG B 37 18.82 -13.75 34.02
C ARG B 37 18.45 -15.13 33.49
N ALA B 38 17.49 -15.21 32.58
CA ALA B 38 17.07 -16.49 32.00
C ALA B 38 16.08 -16.27 30.89
N THR B 39 15.96 -17.25 29.98
CA THR B 39 15.17 -17.08 28.77
C THR B 39 14.69 -18.39 28.14
N GLY B 40 13.39 -18.50 27.87
CA GLY B 40 12.85 -19.66 27.15
C GLY B 40 11.50 -19.44 26.47
N ASN B 41 10.93 -20.54 25.94
CA ASN B 41 9.57 -20.54 25.36
C ASN B 41 9.03 -21.98 25.23
N ILE B 42 7.92 -22.26 25.92
CA ILE B 42 7.32 -23.60 25.94
C ILE B 42 6.41 -23.78 24.72
N GLU B 43 6.90 -24.50 23.71
CA GLU B 43 6.19 -24.63 22.41
C GLU B 43 5.22 -25.82 22.36
N ARG B 44 4.58 -26.02 21.20
CA ARG B 44 3.60 -27.09 20.92
C ARG B 44 2.43 -27.27 21.92
N ILE B 45 2.14 -26.25 22.74
CA ILE B 45 1.08 -26.37 23.76
C ILE B 45 -0.28 -26.62 23.10
N GLY B 46 -1.07 -27.51 23.69
CA GLY B 46 -2.42 -27.81 23.19
C GLY B 46 -2.60 -29.27 22.81
N SER B 50 0.25 -32.03 23.14
CA SER B 50 0.60 -33.40 23.49
C SER B 50 1.32 -33.44 24.84
N SER B 51 2.62 -33.10 24.86
CA SER B 51 3.42 -33.14 26.09
C SER B 51 3.05 -32.04 27.12
N VAL B 52 2.77 -30.83 26.63
CA VAL B 52 2.26 -29.74 27.46
C VAL B 52 0.89 -29.28 26.95
N PRO B 53 -0.21 -29.69 27.62
CA PRO B 53 -1.55 -29.45 27.07
C PRO B 53 -2.11 -28.03 27.29
N ASP B 54 -2.19 -27.60 28.56
CA ASP B 54 -2.96 -26.41 28.94
C ASP B 54 -2.03 -25.33 29.51
N HIS B 55 -2.39 -24.06 29.27
CA HIS B 55 -1.56 -22.89 29.67
C HIS B 55 -1.23 -22.80 31.16
N ASP B 56 -2.04 -23.44 32.01
CA ASP B 56 -1.68 -23.64 33.42
C ASP B 56 -0.43 -24.52 33.54
N ALA B 57 -0.36 -25.56 32.70
CA ALA B 57 0.77 -26.49 32.64
C ALA B 57 1.92 -26.02 31.73
N ALA B 58 1.83 -24.78 31.28
CA ALA B 58 2.88 -24.12 30.51
C ALA B 58 3.72 -23.24 31.43
N LEU B 59 3.03 -22.52 32.31
CA LEU B 59 3.68 -21.66 33.30
C LEU B 59 4.20 -22.52 34.43
N ARG B 60 3.50 -23.61 34.73
CA ARG B 60 3.97 -24.58 35.71
C ARG B 60 5.29 -25.22 35.27
N ARG B 61 5.36 -25.64 33.99
CA ARG B 61 6.59 -26.17 33.42
C ARG B 61 7.68 -25.11 33.24
N VAL B 62 7.29 -23.83 33.25
CA VAL B 62 8.24 -22.71 33.24
C VAL B 62 8.98 -22.60 34.57
N PHE B 63 8.37 -23.12 35.63
CA PHE B 63 9.01 -23.11 36.95
C PHE B 63 10.01 -24.25 37.15
N GLU B 64 9.77 -25.39 36.50
CA GLU B 64 10.74 -26.50 36.48
C GLU B 64 12.00 -26.14 35.66
N ILE B 65 11.86 -25.22 34.70
CA ILE B 65 13.01 -24.72 33.94
C ILE B 65 13.82 -23.74 34.79
N LEU B 66 13.14 -22.80 35.44
CA LEU B 66 13.80 -21.81 36.31
C LEU B 66 14.41 -22.44 37.56
N ALA B 67 13.81 -23.53 38.02
CA ALA B 67 14.33 -24.26 39.17
C ALA B 67 15.70 -24.86 38.88
N GLU B 68 15.84 -25.50 37.72
CA GLU B 68 17.04 -26.23 37.36
C GLU B 68 18.29 -25.35 37.12
N ASP B 69 18.17 -24.03 37.29
CA ASP B 69 19.33 -23.13 37.39
C ASP B 69 19.30 -22.29 38.69
N ASP B 70 18.63 -22.82 39.72
CA ASP B 70 18.55 -22.21 41.06
C ASP B 70 17.91 -20.82 41.08
N ILE B 71 16.64 -20.75 40.67
CA ILE B 71 15.86 -19.51 40.72
C ILE B 71 14.57 -19.75 41.55
N GLY B 77 14.84 -12.12 42.69
CA GLY B 77 14.70 -10.86 43.41
C GLY B 77 13.67 -9.97 42.76
N LEU B 78 12.47 -10.51 42.62
CA LEU B 78 11.41 -9.96 41.73
C LEU B 78 10.86 -8.59 42.15
N VAL B 79 10.29 -7.85 41.18
CA VAL B 79 9.54 -6.63 41.46
C VAL B 79 8.15 -6.63 40.80
N ALA B 80 8.07 -6.97 39.51
CA ALA B 80 6.79 -7.05 38.80
C ALA B 80 6.74 -8.16 37.75
N VAL B 81 5.55 -8.40 37.18
CA VAL B 81 5.39 -9.34 36.05
C VAL B 81 4.78 -8.62 34.85
N GLY B 82 5.55 -8.54 33.75
CA GLY B 82 5.11 -7.85 32.54
C GLY B 82 4.35 -8.74 31.57
N HIS B 83 3.15 -8.30 31.19
CA HIS B 83 2.34 -9.03 30.20
C HIS B 83 2.30 -8.37 28.83
N ARG B 84 2.88 -9.05 27.84
CA ARG B 84 2.89 -8.55 26.46
C ARG B 84 1.51 -8.76 25.86
N VAL B 85 0.80 -7.66 25.60
CA VAL B 85 -0.47 -7.72 24.90
C VAL B 85 -0.28 -7.02 23.56
N VAL B 86 -0.83 -7.62 22.50
CA VAL B 86 -0.59 -7.18 21.14
C VAL B 86 -1.43 -5.92 20.82
N HIS B 87 -2.69 -5.93 21.21
CA HIS B 87 -3.62 -4.88 20.85
C HIS B 87 -4.23 -4.21 22.07
N GLY B 88 -4.06 -2.88 22.17
CA GLY B 88 -4.63 -2.08 23.24
C GLY B 88 -5.80 -1.20 22.81
N GLY B 89 -6.27 -1.38 21.58
CA GLY B 89 -7.43 -0.61 21.10
C GLY B 89 -7.19 0.88 21.23
N LYS B 90 -8.26 1.64 21.37
CA LYS B 90 -8.14 3.08 21.53
C LYS B 90 -7.79 3.42 22.99
N ASP B 91 -8.07 2.50 23.92
CA ASP B 91 -8.08 2.82 25.34
C ASP B 91 -6.81 2.53 26.13
N PHE B 92 -5.99 1.58 25.69
CA PHE B 92 -4.79 1.20 26.44
C PHE B 92 -3.51 1.51 25.66
N TYR B 93 -2.82 2.56 26.07
CA TYR B 93 -1.61 3.01 25.38
C TYR B 93 -0.57 3.51 26.38
N GLU B 94 -0.59 2.91 27.57
CA GLU B 94 0.40 3.15 28.61
C GLU B 94 0.64 1.80 29.28
N PRO B 95 1.81 1.62 29.91
CA PRO B 95 1.96 0.44 30.76
C PRO B 95 0.93 0.53 31.87
N THR B 96 0.00 -0.42 31.90
CA THR B 96 -1.15 -0.36 32.77
C THR B 96 -1.02 -1.34 33.95
N LEU B 97 -1.34 -0.88 35.16
CA LEU B 97 -1.45 -1.80 36.32
C LEU B 97 -2.69 -2.66 36.19
N LEU B 98 -2.51 -3.97 36.31
CA LEU B 98 -3.61 -4.91 36.16
C LEU B 98 -4.39 -5.10 37.46
N ASN B 99 -5.62 -5.58 37.30
CA ASN B 99 -6.48 -6.04 38.39
C ASN B 99 -7.69 -6.72 37.74
N ASP B 100 -8.76 -6.96 38.51
CA ASP B 100 -9.93 -7.67 38.01
C ASP B 100 -10.82 -6.77 37.13
N ALA B 101 -10.86 -5.47 37.48
CA ALA B 101 -11.61 -4.47 36.70
C ALA B 101 -10.90 -4.14 35.38
N VAL B 102 -9.60 -3.88 35.43
CA VAL B 102 -8.84 -3.65 34.21
C VAL B 102 -8.91 -4.89 33.33
N ILE B 103 -8.60 -6.07 33.89
CA ILE B 103 -8.73 -7.34 33.16
C ILE B 103 -10.08 -7.45 32.45
N GLY B 104 -11.14 -6.99 33.12
CA GLY B 104 -12.50 -6.96 32.53
C GLY B 104 -12.58 -6.20 31.22
N LYS B 105 -12.06 -4.97 31.22
CA LYS B 105 -12.05 -4.13 30.01
C LYS B 105 -11.19 -4.79 28.91
N LEU B 106 -10.09 -5.44 29.28
CA LEU B 106 -9.23 -6.18 28.31
C LEU B 106 -9.98 -7.21 27.49
N ASP B 107 -10.84 -7.99 28.14
CA ASP B 107 -11.60 -9.04 27.48
C ASP B 107 -12.46 -8.45 26.36
N GLU B 108 -12.87 -7.19 26.51
CA GLU B 108 -13.66 -6.53 25.49
C GLU B 108 -12.84 -6.11 24.27
N LEU B 109 -11.53 -5.96 24.40
CA LEU B 109 -10.67 -5.65 23.24
C LEU B 109 -10.58 -6.79 22.23
N SER B 110 -10.85 -8.02 22.67
CA SER B 110 -10.51 -9.23 21.90
C SER B 110 -10.98 -9.29 20.43
N PRO B 111 -12.19 -8.80 20.14
CA PRO B 111 -12.64 -8.76 18.74
C PRO B 111 -11.75 -7.93 17.79
N LEU B 112 -10.97 -6.98 18.31
CA LEU B 112 -9.99 -6.25 17.49
C LEU B 112 -8.81 -7.14 17.07
N ALA B 113 -8.46 -8.09 17.95
CA ALA B 113 -7.34 -8.99 17.75
C ALA B 113 -7.75 -10.43 18.14
N PRO B 114 -8.74 -10.99 17.41
CA PRO B 114 -9.45 -12.21 17.81
C PRO B 114 -8.55 -13.41 18.05
N LEU B 115 -7.46 -13.51 17.31
CA LEU B 115 -6.55 -14.64 17.47
C LEU B 115 -5.37 -14.31 18.41
N HIS B 116 -4.90 -13.07 18.43
CA HIS B 116 -3.66 -12.71 19.16
C HIS B 116 -3.82 -12.37 20.63
N ASN B 117 -4.95 -11.80 21.01
CA ASN B 117 -5.10 -11.24 22.36
C ASN B 117 -5.54 -12.24 23.46
N PRO B 118 -6.57 -13.07 23.20
CA PRO B 118 -7.06 -13.94 24.30
C PRO B 118 -5.99 -14.76 25.04
N PRO B 119 -5.05 -15.39 24.32
CA PRO B 119 -3.90 -16.02 24.99
C PRO B 119 -3.14 -15.17 26.05
N ALA B 120 -3.18 -13.85 25.93
CA ALA B 120 -2.52 -12.98 26.92
C ALA B 120 -3.47 -12.59 28.06
N VAL B 121 -4.77 -12.65 27.78
CA VAL B 121 -5.79 -12.49 28.81
C VAL B 121 -5.76 -13.74 29.67
N LEU B 122 -5.87 -14.90 29.01
CA LEU B 122 -5.68 -16.23 29.62
C LEU B 122 -4.48 -16.21 30.57
N CYS B 123 -3.33 -15.86 30.02
CA CYS B 123 -2.07 -15.83 30.76
C CYS B 123 -2.08 -14.78 31.88
N ILE B 124 -2.74 -13.64 31.68
CA ILE B 124 -2.91 -12.67 32.76
C ILE B 124 -3.52 -13.33 34.00
N ARG B 125 -4.46 -14.23 33.77
CA ARG B 125 -5.27 -14.80 34.83
C ARG B 125 -4.68 -16.08 35.42
N VAL B 126 -4.06 -16.90 34.58
CA VAL B 126 -3.26 -18.04 35.05
C VAL B 126 -2.02 -17.53 35.81
N ALA B 127 -1.42 -16.46 35.30
CA ALA B 127 -0.22 -15.86 35.90
C ALA B 127 -0.49 -15.17 37.22
N ARG B 128 -1.53 -14.36 37.29
CA ARG B 128 -1.81 -13.61 38.49
C ARG B 128 -2.34 -14.56 39.57
N ALA B 129 -2.96 -15.65 39.11
CA ALA B 129 -3.42 -16.70 40.02
C ALA B 129 -2.24 -17.39 40.70
N LEU B 130 -1.17 -17.64 39.94
CA LEU B 130 -0.03 -18.42 40.43
C LEU B 130 1.17 -17.58 40.90
N LEU B 131 1.02 -16.26 41.01
CA LEU B 131 2.11 -15.41 41.51
C LEU B 131 1.61 -14.06 42.08
N PRO B 132 0.79 -14.10 43.15
CA PRO B 132 0.21 -12.90 43.77
C PRO B 132 1.18 -11.97 44.49
N ASP B 133 2.43 -12.40 44.65
CA ASP B 133 3.44 -11.62 45.36
C ASP B 133 3.62 -10.23 44.75
N VAL B 134 3.89 -10.18 43.45
CA VAL B 134 4.25 -8.94 42.76
C VAL B 134 3.07 -8.34 42.00
N PRO B 135 3.16 -7.04 41.65
CA PRO B 135 2.18 -6.43 40.74
C PRO B 135 2.38 -6.89 39.30
N HIS B 136 1.28 -7.02 38.56
CA HIS B 136 1.31 -7.38 37.13
C HIS B 136 0.95 -6.18 36.30
N ILE B 137 1.83 -5.83 35.36
CA ILE B 137 1.70 -4.63 34.55
C ILE B 137 1.67 -5.01 33.06
N ALA B 138 0.67 -4.50 32.33
CA ALA B 138 0.50 -4.84 30.91
C ALA B 138 1.04 -3.75 29.99
N VAL B 139 1.79 -4.16 28.97
CA VAL B 139 2.39 -3.27 27.98
C VAL B 139 1.92 -3.68 26.60
N PHE B 140 1.38 -2.73 25.85
CA PHE B 140 0.65 -3.02 24.63
C PHE B 140 1.48 -2.67 23.39
N ASP B 141 1.43 -3.53 22.38
CA ASP B 141 2.25 -3.38 21.22
C ASP B 141 1.75 -2.28 20.26
N THR B 142 0.53 -1.80 20.51
CA THR B 142 -0.05 -0.70 19.76
C THR B 142 0.16 0.67 20.43
N ALA B 143 0.76 0.69 21.63
CA ALA B 143 0.66 1.87 22.50
C ALA B 143 1.41 3.05 21.93
N PHE B 144 2.61 2.79 21.44
CA PHE B 144 3.47 3.82 20.82
C PHE B 144 2.79 4.60 19.69
N PHE B 145 1.87 3.98 18.99
CA PHE B 145 1.26 4.55 17.80
C PHE B 145 -0.09 5.17 18.08
N HIS B 146 -0.48 5.23 19.35
CA HIS B 146 -1.77 5.79 19.69
C HIS B 146 -1.93 7.18 19.15
N GLN B 147 -0.86 7.95 19.28
CA GLN B 147 -0.82 9.34 18.88
C GLN B 147 -0.34 9.58 17.45
N LEU B 148 -0.54 8.62 16.53
CA LEU B 148 -0.26 8.91 15.12
C LEU B 148 -1.16 10.06 14.69
N PRO B 149 -0.67 10.88 13.77
CA PRO B 149 -1.56 11.96 13.36
C PRO B 149 -2.77 11.44 12.58
N PRO B 150 -3.91 12.13 12.71
CA PRO B 150 -5.14 11.70 12.07
C PRO B 150 -5.00 11.38 10.58
N ALA B 151 -4.20 12.16 9.86
CA ALA B 151 -4.07 11.96 8.41
C ALA B 151 -3.46 10.59 8.06
N ALA B 152 -2.63 10.06 8.96
CA ALA B 152 -1.94 8.77 8.80
C ALA B 152 -2.72 7.62 9.47
N ALA B 153 -3.50 7.94 10.50
CA ALA B 153 -4.22 6.94 11.30
C ALA B 153 -5.57 6.54 10.72
N THR B 154 -6.13 7.38 9.84
CA THR B 154 -7.47 7.20 9.28
C THR B 154 -7.48 6.48 7.91
N TYR B 155 -8.17 5.35 7.81
CA TYR B 155 -8.45 4.74 6.52
C TYR B 155 -9.58 5.49 5.82
N ALA B 156 -9.50 5.59 4.50
CA ALA B 156 -10.48 6.36 3.74
C ALA B 156 -11.73 5.49 3.47
N ILE B 157 -12.44 5.16 4.54
CA ILE B 157 -13.67 4.35 4.45
C ILE B 157 -14.78 5.09 5.13
N ASP B 158 -16.01 4.61 4.90
CA ASP B 158 -17.21 5.14 5.55
C ASP B 158 -16.92 5.46 7.02
N ARG B 159 -17.01 6.74 7.36
CA ARG B 159 -16.75 7.25 8.72
C ARG B 159 -17.56 6.61 9.85
N GLU B 160 -18.82 6.28 9.56
CA GLU B 160 -19.69 5.68 10.59
C GLU B 160 -19.21 4.30 11.00
N LEU B 161 -18.98 3.44 10.01
CA LEU B 161 -18.44 2.10 10.25
C LEU B 161 -17.13 2.19 11.00
N ALA B 162 -16.30 3.17 10.62
CA ALA B 162 -14.98 3.35 11.23
C ALA B 162 -15.10 3.68 12.69
N ASP B 163 -15.98 4.62 13.03
CA ASP B 163 -16.19 5.00 14.43
C ASP B 163 -16.87 3.86 15.20
N VAL B 164 -17.97 3.31 14.67
CA VAL B 164 -18.69 2.25 15.37
C VAL B 164 -17.83 0.99 15.61
N TRP B 165 -17.06 0.57 14.61
CA TRP B 165 -16.26 -0.63 14.75
C TRP B 165 -14.83 -0.39 15.14
N LYS B 166 -14.53 0.85 15.51
CA LYS B 166 -13.20 1.22 16.01
C LYS B 166 -12.06 0.87 15.04
N ILE B 167 -12.28 1.19 13.76
CA ILE B 167 -11.32 0.89 12.71
C ILE B 167 -10.44 2.11 12.46
N ARG B 168 -9.14 1.92 12.69
CA ARG B 168 -8.08 2.86 12.32
C ARG B 168 -6.77 2.10 12.11
N ARG B 169 -5.73 2.79 11.65
CA ARG B 169 -4.37 2.25 11.69
C ARG B 169 -3.87 2.34 13.13
N TYR B 170 -3.78 1.19 13.80
CA TYR B 170 -3.28 1.09 15.16
C TYR B 170 -1.78 0.93 15.17
N GLY B 171 -1.27 0.08 14.28
CA GLY B 171 0.19 -0.18 14.21
C GLY B 171 0.64 -1.23 15.21
N PHE B 172 1.79 -1.86 14.94
CA PHE B 172 2.35 -2.84 15.87
C PHE B 172 3.88 -2.77 15.89
N HIS B 173 4.50 -3.63 16.69
CA HIS B 173 5.94 -3.53 17.00
C HIS B 173 6.25 -2.20 17.67
N GLY B 174 5.27 -1.66 18.39
CA GLY B 174 5.42 -0.37 19.04
C GLY B 174 6.59 -0.29 20.01
N THR B 175 6.73 -1.29 20.88
CA THR B 175 7.81 -1.30 21.87
C THR B 175 9.18 -1.33 21.19
N SER B 176 9.29 -2.10 20.11
CA SER B 176 10.53 -2.13 19.36
C SER B 176 10.82 -0.79 18.66
N HIS B 177 9.84 -0.22 17.95
CA HIS B 177 10.09 1.03 17.22
C HIS B 177 10.51 2.13 18.18
N GLU B 178 9.78 2.23 19.28
CA GLU B 178 10.09 3.19 20.32
C GLU B 178 11.52 3.01 20.82
N TYR B 179 11.80 1.81 21.32
CA TYR B 179 13.11 1.47 21.86
C TYR B 179 14.23 1.86 20.90
N VAL B 180 14.19 1.31 19.70
CA VAL B 180 15.24 1.54 18.72
C VAL B 180 15.42 3.02 18.43
N SER B 181 14.32 3.77 18.34
CA SER B 181 14.40 5.23 18.09
C SER B 181 15.17 5.95 19.21
N GLN B 182 14.96 5.51 20.46
CA GLN B 182 15.69 6.05 21.62
C GLN B 182 17.18 5.67 21.58
N GLN B 183 17.47 4.44 21.18
CA GLN B 183 18.86 3.98 21.09
C GLN B 183 19.61 4.66 19.95
N ALA B 184 18.92 4.92 18.84
CA ALA B 184 19.51 5.64 17.71
C ALA B 184 19.89 7.08 18.09
N ALA B 185 18.99 7.76 18.80
CA ALA B 185 19.27 9.07 19.38
C ALA B 185 20.56 9.04 20.19
N GLU B 186 20.65 8.09 21.12
CA GLU B 186 21.81 7.94 22.01
C GLU B 186 23.11 7.62 21.27
N PHE B 187 23.04 6.70 20.33
CA PHE B 187 24.20 6.35 19.52
C PHE B 187 24.77 7.61 18.89
N LEU B 188 23.89 8.41 18.26
CA LEU B 188 24.32 9.65 17.61
C LEU B 188 24.62 10.78 18.58
N GLY B 189 24.32 10.60 19.87
CA GLY B 189 24.59 11.61 20.89
C GLY B 189 23.77 12.90 20.73
N LYS B 190 22.55 12.78 20.20
CA LYS B 190 21.68 13.94 20.01
C LYS B 190 20.32 13.71 20.64
N PRO B 191 19.63 14.79 21.01
CA PRO B 191 18.33 14.57 21.63
C PRO B 191 17.31 13.96 20.64
N ILE B 192 16.57 12.97 21.12
CA ILE B 192 15.53 12.31 20.33
C ILE B 192 14.58 13.34 19.74
N GLY B 193 14.38 14.43 20.46
CA GLY B 193 13.55 15.54 19.99
C GLY B 193 13.99 16.23 18.70
N ASP B 194 15.28 16.14 18.36
CA ASP B 194 15.88 16.88 17.22
C ASP B 194 16.15 16.02 15.99
N LEU B 195 15.80 14.73 16.03
CA LEU B 195 16.07 13.80 14.92
C LEU B 195 14.77 13.35 14.24
N ASN B 196 14.80 13.25 12.90
CA ASN B 196 13.78 12.50 12.17
C ASN B 196 14.36 11.13 11.77
N GLN B 197 13.61 10.06 12.02
CA GLN B 197 14.14 8.71 11.88
C GLN B 197 13.20 7.78 11.16
N ILE B 198 13.80 6.82 10.47
CA ILE B 198 13.06 5.67 9.97
C ILE B 198 13.58 4.44 10.70
N VAL B 199 12.69 3.57 11.13
CA VAL B 199 13.12 2.30 11.76
C VAL B 199 12.50 1.18 10.97
N LEU B 200 13.34 0.17 10.65
CA LEU B 200 12.92 -1.00 9.89
C LEU B 200 13.07 -2.26 10.74
N HIS B 201 11.94 -2.77 11.24
CA HIS B 201 11.91 -3.95 12.09
C HIS B 201 11.61 -5.10 11.20
N LEU B 202 12.67 -5.82 10.81
CA LEU B 202 12.55 -6.93 9.88
C LEU B 202 12.78 -8.25 10.65
N GLY B 203 11.68 -8.92 11.02
CA GLY B 203 11.73 -10.23 11.72
C GLY B 203 10.81 -11.23 11.05
N ASN B 204 10.25 -12.14 11.85
CA ASN B 204 9.21 -13.09 11.37
C ASN B 204 8.10 -12.27 10.83
N GLY B 205 7.62 -11.34 11.66
CA GLY B 205 6.86 -10.17 11.19
C GLY B 205 7.80 -9.00 10.86
N ALA B 206 7.37 -8.14 9.93
CA ALA B 206 8.18 -7.01 9.51
C ALA B 206 7.33 -5.73 9.47
N SER B 207 7.82 -4.66 10.09
CA SER B 207 7.20 -3.37 9.94
C SER B 207 8.21 -2.23 9.90
N ALA B 208 7.76 -1.12 9.31
CA ALA B 208 8.52 0.13 9.21
C ALA B 208 7.82 1.19 10.01
N SER B 209 8.60 2.13 10.55
CA SER B 209 8.03 3.34 11.12
C SER B 209 8.80 4.59 10.68
N ALA B 210 8.10 5.72 10.76
CA ALA B 210 8.70 7.05 10.65
C ALA B 210 8.40 7.74 11.97
N VAL B 211 9.43 8.34 12.56
CA VAL B 211 9.37 9.00 13.86
C VAL B 211 9.99 10.39 13.73
N ALA B 212 9.18 11.42 13.95
CA ALA B 212 9.61 12.81 13.90
C ALA B 212 9.75 13.34 15.32
N GLY B 213 10.99 13.59 15.74
CA GLY B 213 11.25 14.13 17.06
C GLY B 213 10.75 13.24 18.19
N GLY B 214 10.98 11.93 18.06
CA GLY B 214 10.47 10.95 19.03
C GLY B 214 9.00 10.57 18.93
N ARG B 215 8.20 11.32 18.15
CA ARG B 215 6.77 11.06 17.99
C ARG B 215 6.55 10.34 16.67
N PRO B 216 5.81 9.22 16.70
CA PRO B 216 5.68 8.44 15.48
C PRO B 216 4.71 9.11 14.52
N VAL B 217 5.02 9.09 13.23
CA VAL B 217 4.20 9.79 12.22
C VAL B 217 3.72 8.89 11.07
N GLU B 218 4.21 7.68 11.00
CA GLU B 218 3.64 6.63 10.13
C GLU B 218 4.18 5.30 10.59
N THR B 219 3.43 4.24 10.27
CA THR B 219 3.92 2.86 10.43
C THR B 219 3.16 1.93 9.47
N SER B 220 3.75 0.80 9.13
CA SER B 220 3.28 -0.01 8.00
C SER B 220 2.11 -0.99 8.28
N MET B 221 2.13 -1.60 9.46
CA MET B 221 0.98 -2.40 9.91
C MET B 221 -0.22 -1.52 10.27
N GLY B 222 -1.39 -2.14 10.34
CA GLY B 222 -2.63 -1.42 10.24
C GLY B 222 -3.58 -1.67 11.37
N LEU B 223 -4.82 -1.96 11.01
CA LEU B 223 -5.80 -2.48 11.95
C LEU B 223 -5.30 -3.79 12.52
N THR B 224 -4.62 -4.58 11.68
CA THR B 224 -4.02 -5.85 12.08
C THR B 224 -2.58 -5.90 11.64
N PRO B 225 -1.83 -6.93 12.11
CA PRO B 225 -0.45 -7.13 11.71
C PRO B 225 -0.22 -7.64 10.29
N LEU B 226 -1.25 -7.62 9.44
CA LEU B 226 -1.15 -8.09 8.06
C LEU B 226 -0.65 -7.01 7.03
N GLU B 227 -0.98 -5.73 7.27
CA GLU B 227 -0.67 -4.64 6.31
C GLU B 227 0.83 -4.37 6.25
N GLY B 228 1.29 -3.93 5.08
CA GLY B 228 2.59 -3.29 4.94
C GLY B 228 3.62 -4.15 4.23
N LEU B 229 4.71 -4.47 4.91
CA LEU B 229 5.84 -5.12 4.29
C LEU B 229 5.48 -6.58 4.03
N VAL B 230 6.13 -7.17 3.03
CA VAL B 230 6.10 -8.63 2.84
C VAL B 230 6.85 -9.25 4.02
N MET B 231 6.35 -10.38 4.54
CA MET B 231 6.90 -11.03 5.73
C MET B 231 7.09 -12.54 5.52
N GLY B 232 7.41 -13.25 6.62
CA GLY B 232 7.69 -14.68 6.55
C GLY B 232 6.51 -15.44 5.97
N THR B 233 5.33 -15.24 6.55
CA THR B 233 4.10 -15.96 6.17
C THR B 233 2.91 -15.05 5.83
N ARG B 234 3.17 -13.73 5.84
CA ARG B 234 2.13 -12.72 5.64
C ARG B 234 2.35 -11.95 4.38
N SER B 235 1.25 -11.64 3.68
CA SER B 235 1.29 -10.96 2.39
C SER B 235 1.75 -9.49 2.43
N GLY B 236 1.42 -8.82 3.53
CA GLY B 236 1.56 -7.37 3.56
C GLY B 236 0.54 -6.79 2.62
N ASP B 237 0.80 -5.56 2.15
CA ASP B 237 -0.09 -4.86 1.23
C ASP B 237 -0.64 -5.71 0.08
N LEU B 238 -1.94 -5.58 -0.11
CA LEU B 238 -2.71 -6.37 -1.07
C LEU B 238 -3.87 -5.52 -1.56
N ASP B 239 -4.14 -5.56 -2.85
CA ASP B 239 -5.36 -5.00 -3.42
C ASP B 239 -6.58 -5.42 -2.56
N PRO B 240 -7.38 -4.45 -2.10
CA PRO B 240 -8.54 -4.79 -1.30
C PRO B 240 -9.53 -5.64 -2.05
N GLY B 241 -9.47 -5.66 -3.38
CA GLY B 241 -10.34 -6.47 -4.20
C GLY B 241 -10.02 -7.96 -4.22
N VAL B 242 -8.86 -8.36 -3.70
CA VAL B 242 -8.42 -9.76 -3.81
C VAL B 242 -9.29 -10.67 -2.97
N ILE B 243 -9.65 -10.22 -1.77
CA ILE B 243 -10.46 -11.03 -0.89
C ILE B 243 -11.82 -11.33 -1.50
N GLY B 244 -12.53 -10.28 -1.91
CA GLY B 244 -13.80 -10.45 -2.58
C GLY B 244 -13.68 -11.37 -3.78
N TYR B 245 -12.63 -11.19 -4.57
CA TYR B 245 -12.46 -11.98 -5.78
C TYR B 245 -12.35 -13.49 -5.46
N LEU B 246 -11.51 -13.84 -4.50
CA LEU B 246 -11.33 -15.20 -4.09
C LEU B 246 -12.65 -15.76 -3.55
N TRP B 247 -13.44 -14.91 -2.89
CA TRP B 247 -14.72 -15.29 -2.34
C TRP B 247 -15.82 -15.51 -3.35
N ARG B 248 -16.04 -14.59 -4.29
CA ARG B 248 -17.16 -14.75 -5.24
C ARG B 248 -16.84 -15.59 -6.45
N THR B 249 -15.56 -15.79 -6.73
CA THR B 249 -15.13 -16.49 -7.94
C THR B 249 -14.43 -17.82 -7.66
N ALA B 250 -13.42 -17.80 -6.81
CA ALA B 250 -12.83 -19.03 -6.29
C ALA B 250 -13.73 -19.77 -5.27
N LYS B 251 -14.78 -19.09 -4.79
CA LYS B 251 -15.72 -19.64 -3.79
C LYS B 251 -15.08 -20.15 -2.50
N LEU B 252 -13.99 -19.50 -2.07
CA LEU B 252 -13.36 -19.78 -0.77
C LEU B 252 -13.97 -18.94 0.38
N GLY B 253 -13.99 -19.51 1.57
CA GLY B 253 -14.48 -18.84 2.77
C GLY B 253 -13.53 -17.73 3.21
N VAL B 254 -14.10 -16.73 3.89
CA VAL B 254 -13.36 -15.55 4.30
C VAL B 254 -12.27 -15.91 5.33
N ASP B 255 -12.58 -16.80 6.26
CA ASP B 255 -11.56 -17.24 7.24
C ASP B 255 -10.42 -18.00 6.57
N GLU B 256 -10.77 -18.79 5.55
CA GLU B 256 -9.79 -19.56 4.79
C GLU B 256 -8.90 -18.54 4.08
N ILE B 257 -9.52 -17.57 3.40
CA ILE B 257 -8.78 -16.54 2.65
C ILE B 257 -7.81 -15.82 3.58
N GLU B 258 -8.33 -15.34 4.72
CA GLU B 258 -7.51 -14.58 5.66
C GLU B 258 -6.41 -15.42 6.28
N SER B 259 -6.76 -16.65 6.63
CA SER B 259 -5.78 -17.62 7.10
C SER B 259 -4.62 -17.79 6.11
N MET B 260 -4.95 -17.94 4.84
CA MET B 260 -3.96 -18.01 3.76
C MET B 260 -3.08 -16.75 3.73
N LEU B 261 -3.69 -15.57 3.99
CA LEU B 261 -2.95 -14.29 3.97
C LEU B 261 -1.98 -14.14 5.13
N ASN B 262 -2.28 -14.77 6.26
CA ASN B 262 -1.42 -14.71 7.45
C ASN B 262 -0.41 -15.88 7.59
N HIS B 263 -0.75 -17.03 7.00
CA HIS B 263 0.05 -18.27 7.17
C HIS B 263 0.61 -18.91 5.92
N ARG B 264 0.05 -18.59 4.75
CA ARG B 264 0.46 -19.21 3.49
C ARG B 264 0.83 -18.19 2.41
N SER B 265 1.37 -17.07 2.86
CA SER B 265 1.70 -15.95 1.97
C SER B 265 3.13 -15.50 2.28
N GLY B 266 3.49 -14.30 1.84
CA GLY B 266 4.83 -13.83 2.06
C GLY B 266 5.85 -14.77 1.43
N MET B 267 6.97 -14.93 2.11
CA MET B 267 8.05 -15.67 1.56
C MET B 267 7.63 -17.15 1.48
N LEU B 268 6.90 -17.68 2.46
CA LEU B 268 6.49 -19.08 2.42
C LEU B 268 5.59 -19.32 1.21
N GLY B 269 4.66 -18.38 0.98
CA GLY B 269 3.72 -18.51 -0.12
C GLY B 269 4.37 -18.38 -1.49
N LEU B 270 5.45 -17.60 -1.59
CA LEU B 270 6.07 -17.32 -2.89
C LEU B 270 7.21 -18.29 -3.21
N ALA B 271 7.96 -18.69 -2.19
CA ALA B 271 9.16 -19.49 -2.39
C ALA B 271 9.17 -20.81 -1.62
N GLY B 272 8.18 -21.05 -0.77
CA GLY B 272 8.15 -22.25 0.09
C GLY B 272 9.16 -22.23 1.23
N GLU B 273 9.67 -21.06 1.61
CA GLU B 273 10.66 -20.93 2.69
C GLU B 273 10.63 -19.54 3.38
N ARG B 274 10.53 -19.55 4.71
CA ARG B 274 10.64 -18.35 5.55
C ARG B 274 12.08 -17.84 5.72
N ASP B 275 12.94 -18.69 6.26
CA ASP B 275 14.26 -18.28 6.76
C ASP B 275 15.14 -17.69 5.65
N PHE B 276 15.65 -16.48 5.91
CA PHE B 276 16.43 -15.74 4.91
C PHE B 276 17.83 -16.31 4.66
N ARG B 277 18.40 -17.05 5.62
CA ARG B 277 19.69 -17.74 5.39
C ARG B 277 19.51 -18.94 4.47
N ARG B 278 18.39 -19.65 4.63
CA ARG B 278 18.02 -20.75 3.73
C ARG B 278 17.68 -20.21 2.36
N LEU B 279 16.84 -19.18 2.33
CA LEU B 279 16.47 -18.49 1.07
C LEU B 279 17.73 -18.05 0.30
N ARG B 280 18.71 -17.51 1.02
CA ARG B 280 19.97 -17.16 0.38
C ARG B 280 20.57 -18.37 -0.35
N ALA B 281 20.66 -19.50 0.35
CA ALA B 281 21.28 -20.71 -0.23
C ALA B 281 20.52 -21.14 -1.49
N MET B 282 19.20 -21.01 -1.45
CA MET B 282 18.34 -21.36 -2.59
C MET B 282 18.62 -20.42 -3.78
N ILE B 283 18.77 -19.12 -3.51
CA ILE B 283 19.15 -18.18 -4.57
C ILE B 283 20.57 -18.49 -5.09
N ASP B 284 21.53 -18.69 -4.19
CA ASP B 284 22.91 -19.08 -4.59
C ASP B 284 22.89 -20.29 -5.56
N ASP B 285 21.99 -21.24 -5.28
CA ASP B 285 21.77 -22.45 -6.09
C ASP B 285 20.92 -22.23 -7.37
N GLY B 286 20.45 -20.99 -7.60
CA GLY B 286 19.74 -20.62 -8.83
C GLY B 286 18.25 -20.90 -8.88
N ASP B 287 17.61 -21.07 -7.72
CA ASP B 287 16.17 -21.27 -7.65
C ASP B 287 15.44 -19.97 -8.04
N PRO B 288 14.68 -19.98 -9.15
CA PRO B 288 14.02 -18.75 -9.63
C PRO B 288 12.96 -18.25 -8.66
N ALA B 289 12.11 -19.15 -8.16
CA ALA B 289 11.04 -18.78 -7.23
C ALA B 289 11.60 -18.06 -5.97
N ALA B 290 12.70 -18.56 -5.43
CA ALA B 290 13.37 -17.90 -4.29
C ALA B 290 13.90 -16.53 -4.67
N GLU B 291 14.38 -16.43 -5.92
CA GLU B 291 14.88 -15.18 -6.45
C GLU B 291 13.75 -14.15 -6.55
N LEU B 292 12.61 -14.56 -7.13
CA LEU B 292 11.48 -13.67 -7.29
C LEU B 292 10.98 -13.22 -5.91
N ALA B 293 10.87 -14.18 -5.00
CA ALA B 293 10.36 -13.87 -3.66
C ALA B 293 11.24 -12.82 -2.95
N TYR B 294 12.56 -13.02 -3.00
CA TYR B 294 13.49 -12.06 -2.41
C TYR B 294 13.33 -10.65 -3.05
N ASP B 295 13.24 -10.63 -4.38
CA ASP B 295 13.02 -9.40 -5.12
C ASP B 295 11.71 -8.67 -4.76
N VAL B 296 10.67 -9.44 -4.43
CA VAL B 296 9.36 -8.90 -4.07
C VAL B 296 9.43 -8.25 -2.70
N PHE B 297 10.09 -8.94 -1.78
CA PHE B 297 10.35 -8.44 -0.43
C PHE B 297 11.15 -7.11 -0.48
N ILE B 298 12.26 -7.07 -1.22
CA ILE B 298 13.14 -5.92 -1.21
C ILE B 298 12.42 -4.71 -1.84
N HIS B 299 11.71 -4.93 -2.93
CA HIS B 299 11.01 -3.86 -3.68
C HIS B 299 9.95 -3.21 -2.81
N ARG B 300 9.15 -4.03 -2.12
CA ARG B 300 8.17 -3.56 -1.13
C ARG B 300 8.78 -2.70 -0.01
N LEU B 301 9.90 -3.16 0.55
CA LEU B 301 10.64 -2.39 1.55
C LEU B 301 11.20 -1.07 0.98
N ARG B 302 11.75 -1.10 -0.23
CA ARG B 302 12.30 0.10 -0.86
C ARG B 302 11.23 1.17 -1.00
N LYS B 303 10.04 0.73 -1.36
CA LYS B 303 8.89 1.63 -1.50
C LYS B 303 8.53 2.28 -0.18
N TYR B 304 8.50 1.50 0.90
CA TYR B 304 8.27 2.07 2.23
C TYR B 304 9.38 3.03 2.70
N VAL B 305 10.64 2.79 2.33
CA VAL B 305 11.74 3.74 2.68
C VAL B 305 11.51 5.09 1.98
N GLY B 306 11.25 5.02 0.67
CA GLY B 306 10.91 6.21 -0.12
C GLY B 306 9.70 6.95 0.39
N ALA B 307 8.63 6.19 0.65
CA ALA B 307 7.37 6.77 1.11
C ALA B 307 7.67 7.54 2.39
N TYR B 308 8.44 6.93 3.30
CA TYR B 308 8.65 7.58 4.60
C TYR B 308 9.68 8.70 4.60
N LEU B 309 10.62 8.67 3.66
CA LEU B 309 11.48 9.83 3.45
C LEU B 309 10.60 11.05 3.08
N ALA B 310 9.62 10.83 2.20
CA ALA B 310 8.74 11.92 1.76
C ALA B 310 7.89 12.48 2.91
N VAL B 311 7.32 11.57 3.69
CA VAL B 311 6.54 11.93 4.88
C VAL B 311 7.37 12.79 5.80
N LEU B 312 8.59 12.36 6.13
CA LEU B 312 9.45 13.13 7.02
C LEU B 312 9.98 14.43 6.36
N GLY B 313 10.16 14.44 5.05
CA GLY B 313 10.80 15.59 4.39
C GLY B 313 12.32 15.68 4.60
N HIS B 314 12.76 15.72 5.83
CA HIS B 314 14.17 15.62 6.14
C HIS B 314 14.38 14.44 7.06
N THR B 315 15.30 13.54 6.72
CA THR B 315 15.55 12.38 7.57
C THR B 315 17.02 12.31 8.00
N ASP B 316 17.28 12.12 9.28
CA ASP B 316 18.64 12.06 9.82
C ASP B 316 19.20 10.66 9.85
N VAL B 317 18.36 9.68 10.21
CA VAL B 317 18.84 8.32 10.34
C VAL B 317 17.81 7.25 9.93
N VAL B 318 18.34 6.17 9.37
CA VAL B 318 17.56 4.97 9.11
C VAL B 318 18.21 3.87 9.93
N SER B 319 17.43 3.14 10.72
CA SER B 319 17.98 2.02 11.51
C SER B 319 17.31 0.69 11.16
N PHE B 320 18.13 -0.33 10.98
CA PHE B 320 17.66 -1.72 10.92
C PHE B 320 17.69 -2.40 12.30
N THR B 321 16.72 -3.28 12.53
CA THR B 321 16.66 -4.00 13.78
C THR B 321 15.89 -5.30 13.60
N ALA B 322 15.93 -6.13 14.62
CA ALA B 322 15.29 -7.43 14.58
C ALA B 322 16.15 -8.42 13.77
N GLY B 323 15.75 -9.68 13.80
CA GLY B 323 16.58 -10.80 13.35
C GLY B 323 17.18 -10.63 11.99
N ILE B 324 16.35 -10.33 11.01
CA ILE B 324 16.81 -10.14 9.64
C ILE B 324 17.55 -8.81 9.52
N GLY B 325 17.04 -7.77 10.16
CA GLY B 325 17.69 -6.45 10.11
C GLY B 325 19.09 -6.43 10.72
N GLU B 326 19.27 -7.17 11.81
CA GLU B 326 20.56 -7.24 12.52
C GLU B 326 21.66 -8.07 11.82
N HIS B 327 21.30 -9.03 10.97
CA HIS B 327 22.26 -10.02 10.44
C HIS B 327 22.27 -10.28 8.95
N ASP B 328 21.35 -9.73 8.16
CA ASP B 328 21.36 -9.99 6.70
C ASP B 328 21.89 -8.79 5.92
N ALA B 329 23.17 -8.86 5.57
CA ALA B 329 23.87 -7.77 4.91
C ALA B 329 23.35 -7.60 3.49
N ALA B 330 22.92 -8.70 2.87
CA ALA B 330 22.34 -8.64 1.53
C ALA B 330 20.98 -7.89 1.51
N VAL B 331 20.21 -8.01 2.57
CA VAL B 331 18.94 -7.28 2.67
C VAL B 331 19.21 -5.79 2.83
N ARG B 332 20.07 -5.44 3.78
CA ARG B 332 20.44 -4.03 3.94
C ARG B 332 21.05 -3.45 2.66
N ARG B 333 21.94 -4.17 2.00
CA ARG B 333 22.59 -3.64 0.81
C ARG B 333 21.58 -3.38 -0.32
N ASP B 334 20.74 -4.36 -0.59
CA ASP B 334 19.77 -4.28 -1.66
C ASP B 334 18.67 -3.26 -1.40
N THR B 335 18.29 -3.06 -0.13
CA THR B 335 17.22 -2.12 0.18
C THR B 335 17.67 -0.71 -0.10
N LEU B 336 18.94 -0.41 0.18
CA LEU B 336 19.46 0.94 0.11
C LEU B 336 20.40 1.22 -1.08
N ALA B 337 20.53 0.26 -1.98
CA ALA B 337 21.25 0.41 -3.24
C ALA B 337 20.59 1.44 -4.18
N GLY B 338 21.38 2.27 -4.83
CA GLY B 338 20.82 3.25 -5.78
C GLY B 338 20.02 4.36 -5.13
N MET B 339 20.26 4.64 -3.85
CA MET B 339 19.55 5.68 -3.09
C MET B 339 20.32 6.98 -2.86
N ALA B 340 21.49 7.15 -3.50
CA ALA B 340 22.34 8.34 -3.23
C ALA B 340 21.63 9.66 -3.53
N GLU B 341 20.82 9.70 -4.59
CA GLU B 341 20.10 10.93 -4.91
C GLU B 341 19.00 11.23 -3.89
N LEU B 342 18.65 10.26 -3.03
CA LEU B 342 17.71 10.51 -1.97
C LEU B 342 18.44 10.66 -0.63
N GLY B 343 19.76 10.77 -0.66
CA GLY B 343 20.55 11.02 0.53
C GLY B 343 21.16 9.84 1.28
N ILE B 344 21.09 8.63 0.72
CA ILE B 344 21.58 7.42 1.45
C ILE B 344 22.63 6.63 0.67
N SER B 345 23.76 6.36 1.33
CA SER B 345 24.82 5.53 0.78
C SER B 345 25.34 4.65 1.86
N LEU B 346 25.46 3.37 1.55
CA LEU B 346 26.11 2.41 2.46
C LEU B 346 27.61 2.25 2.15
N ASP B 347 28.38 1.96 3.20
CA ASP B 347 29.79 1.59 3.08
C ASP B 347 29.84 0.11 3.36
N GLU B 348 30.08 -0.70 2.33
CA GLU B 348 30.10 -2.15 2.53
C GLU B 348 31.14 -2.68 3.56
N ARG B 349 32.29 -2.04 3.71
CA ARG B 349 33.27 -2.54 4.70
C ARG B 349 32.61 -2.66 6.07
N ARG B 350 31.74 -1.72 6.40
CA ARG B 350 31.03 -1.77 7.66
C ARG B 350 29.79 -2.67 7.61
N ASN B 351 29.05 -2.61 6.50
CA ASN B 351 27.83 -3.41 6.32
C ASN B 351 28.12 -4.91 6.21
N ALA B 352 29.21 -5.27 5.52
CA ALA B 352 29.58 -6.68 5.27
C ALA B 352 30.23 -7.40 6.47
N CYS B 353 30.53 -6.65 7.53
CA CYS B 353 31.29 -7.16 8.66
C CYS B 353 30.35 -7.53 9.79
N PRO B 354 30.20 -8.84 10.07
CA PRO B 354 29.21 -9.23 11.07
C PRO B 354 29.67 -8.96 12.48
N SER B 355 28.85 -8.24 13.23
CA SER B 355 29.07 -8.01 14.65
C SER B 355 27.70 -7.95 15.29
N GLY B 356 27.69 -8.01 16.61
CA GLY B 356 26.52 -7.63 17.37
C GLY B 356 26.71 -6.17 17.75
N GLY B 357 25.78 -5.66 18.54
CA GLY B 357 25.85 -4.28 19.01
C GLY B 357 25.43 -3.23 17.99
N ALA B 358 25.11 -2.07 18.53
CA ALA B 358 24.83 -0.90 17.77
C ALA B 358 26.04 -0.58 16.89
N ARG B 359 25.80 -0.25 15.63
CA ARG B 359 26.87 0.23 14.78
C ARG B 359 26.38 1.05 13.58
N ARG B 360 27.32 1.75 12.96
CA ARG B 360 27.05 2.57 11.81
C ARG B 360 27.48 1.81 10.57
N ILE B 361 26.61 1.78 9.55
CA ILE B 361 26.94 1.11 8.30
C ILE B 361 26.89 1.99 7.06
N SER B 362 26.57 3.27 7.25
CA SER B 362 26.52 4.21 6.12
C SER B 362 27.90 4.76 5.80
N ALA B 363 28.07 5.22 4.56
CA ALA B 363 29.30 5.92 4.13
C ALA B 363 29.41 7.25 4.85
N ASP B 364 30.65 7.62 5.15
CA ASP B 364 30.97 8.85 5.89
C ASP B 364 30.36 10.10 5.27
N ASP B 365 30.27 10.12 3.94
CA ASP B 365 29.65 11.25 3.25
C ASP B 365 28.14 11.03 2.94
N SER B 366 27.46 10.17 3.70
CA SER B 366 26.01 9.93 3.45
C SER B 366 25.22 10.95 4.24
N PRO B 367 24.46 11.82 3.57
CA PRO B 367 23.67 12.75 4.36
C PRO B 367 22.79 12.06 5.41
N VAL B 368 22.15 10.96 5.04
CA VAL B 368 21.39 10.17 6.00
C VAL B 368 22.30 9.06 6.56
N THR B 369 22.29 8.96 7.89
CA THR B 369 23.04 7.96 8.59
C THR B 369 22.19 6.68 8.60
N VAL B 370 22.84 5.55 8.36
CA VAL B 370 22.23 4.24 8.50
C VAL B 370 22.89 3.49 9.62
N LEU B 371 22.08 2.95 10.55
CA LEU B 371 22.55 2.15 11.68
C LEU B 371 21.99 0.74 11.67
N VAL B 372 22.66 -0.13 12.43
CA VAL B 372 22.08 -1.36 12.94
C VAL B 372 22.00 -1.17 14.46
N ILE B 373 20.80 -1.39 15.00
CA ILE B 373 20.51 -1.30 16.42
C ILE B 373 19.81 -2.59 16.87
N PRO B 374 20.46 -3.39 17.72
CA PRO B 374 19.75 -4.60 18.15
C PRO B 374 18.55 -4.24 19.00
N THR B 375 17.43 -4.92 18.81
CA THR B 375 16.23 -4.60 19.63
C THR B 375 16.17 -5.50 20.84
N ASN B 376 15.58 -4.98 21.90
CA ASN B 376 15.41 -5.71 23.12
C ASN B 376 14.03 -5.39 23.69
N GLU B 377 13.02 -5.89 22.99
CA GLU B 377 11.66 -5.67 23.41
C GLU B 377 11.48 -6.02 24.88
N GLU B 378 11.97 -7.18 25.28
CA GLU B 378 11.81 -7.61 26.68
C GLU B 378 12.47 -6.65 27.69
N LEU B 379 13.61 -6.06 27.36
CA LEU B 379 14.21 -5.07 28.26
C LEU B 379 13.39 -3.79 28.36
N ALA B 380 12.94 -3.28 27.22
CA ALA B 380 12.09 -2.08 27.20
C ALA B 380 10.80 -2.32 27.98
N ILE B 381 10.24 -3.54 27.87
CA ILE B 381 9.03 -3.90 28.61
C ILE B 381 9.27 -3.88 30.15
N ALA B 382 10.50 -4.19 30.56
CA ALA B 382 10.90 -4.19 31.98
C ALA B 382 11.04 -2.80 32.56
N ARG B 383 11.63 -1.89 31.80
CA ARG B 383 11.84 -0.50 32.24
C ARG B 383 10.53 0.26 32.33
N HIS B 384 9.63 -0.02 31.37
CA HIS B 384 8.29 0.56 31.42
C HIS B 384 7.56 0.13 32.67
N CYS B 385 7.71 -1.13 33.03
CA CYS B 385 7.05 -1.66 34.24
C CYS B 385 7.47 -0.85 35.47
N CYS B 386 8.76 -0.55 35.60
CA CYS B 386 9.25 0.34 36.65
C CYS B 386 8.64 1.73 36.55
N SER B 387 8.55 2.25 35.33
CA SER B 387 7.89 3.54 35.10
C SER B 387 6.58 3.62 35.88
N VAL B 388 5.80 2.54 35.85
CA VAL B 388 4.48 2.49 36.49
C VAL B 388 4.51 2.30 38.03
N LEU B 389 5.70 2.11 38.59
CA LEU B 389 5.87 1.87 40.03
C LEU B 389 6.41 3.11 40.75
#